data_1W6H
#
_entry.id   1W6H
#
_cell.length_a   44.210
_cell.length_b   77.614
_cell.length_c   84.237
_cell.angle_alpha   90.00
_cell.angle_beta   90.00
_cell.angle_gamma   90.00
#
_symmetry.space_group_name_H-M   'P 1 21 1'
#
loop_
_entity.id
_entity.type
_entity.pdbx_description
1 polymer 'PLASMEPSIN 2'
2 non-polymer N-((3S,4S)-5-[(4-BROMOBENZYL)OXY]-3-HYDROXY-4-{[N-(PYRIDIN-2-YLCARBONYL)-L-VALYL]AMINO}PENTANOYL)-L-ALANYL-L-LEUCINAMIDE
3 water water
#
_entity_poly.entity_id   1
_entity_poly.type   'polypeptide(L)'
_entity_poly.pdbx_seq_one_letter_code
;LGSSNDNIELVDFQNIMFYGDAEVGDNQQPFTFILDTGSANLWVPSVKCTTAGCLTKHLYDSSKSRTYEKDGTKVEMNYV
SGTVSGFFSKDLVTVGNLSLPYKFIEVIDTNGFEPTYTASTFDGILGLGWKDLSIGSVDPIVVELKNQNKIENALFTFYL
PVHDKHTGFLTIGGIEERFYEGPLTYEKLNHDLYWQITLDAHVGNIMLEKANCIVDSGTSAITVPTDFLNKMLQNLDVIK
VPFLPFYVTLCNNSKLPTFEFTSENGKYTLEPEYYLQHIEDVGPGLCMLNIIGLDFPVPTFILGDPFMRKYFTVFDYDNH
SVGIALAKKNL
;
_entity_poly.pdbx_strand_id   A,B
#
loop_
_chem_comp.id
_chem_comp.type
_chem_comp.name
_chem_comp.formula
TIT non-polymer N-((3S,4S)-5-[(4-BROMOBENZYL)OXY]-3-HYDROXY-4-{[N-(PYRIDIN-2-YLCARBONYL)-L-VALYL]AMINO}PENTANOYL)-L-ALANYL-L-LEUCINAMIDE 'C32 H45 Br N6 O7'
#
# COMPACT_ATOMS: atom_id res chain seq x y z
N SER A 3 -31.00 -31.72 -48.23
CA SER A 3 -30.61 -31.88 -46.79
C SER A 3 -31.29 -33.10 -46.10
N SER A 4 -30.50 -33.73 -45.23
CA SER A 4 -30.97 -34.82 -44.40
C SER A 4 -31.15 -34.34 -42.94
N ASN A 5 -31.13 -33.03 -42.71
CA ASN A 5 -31.46 -32.48 -41.39
C ASN A 5 -32.52 -31.37 -41.39
N ASP A 6 -33.02 -31.10 -40.20
CA ASP A 6 -33.93 -29.98 -39.95
C ASP A 6 -33.12 -28.67 -39.76
N ASN A 7 -33.39 -27.71 -40.64
CA ASN A 7 -32.68 -26.47 -40.71
C ASN A 7 -33.64 -25.30 -40.51
N ILE A 8 -33.34 -24.41 -39.56
CA ILE A 8 -34.15 -23.24 -39.38
C ILE A 8 -33.32 -21.96 -39.53
N GLU A 9 -33.77 -21.12 -40.46
CA GLU A 9 -33.02 -19.94 -40.85
C GLU A 9 -32.98 -18.95 -39.69
N LEU A 10 -31.82 -18.32 -39.54
CA LEU A 10 -31.55 -17.32 -38.56
C LEU A 10 -31.33 -15.96 -39.25
N VAL A 11 -31.93 -14.92 -38.68
CA VAL A 11 -31.88 -13.56 -39.21
C VAL A 11 -31.01 -12.75 -38.27
N ASP A 12 -30.27 -11.81 -38.85
CA ASP A 12 -29.35 -10.98 -38.13
C ASP A 12 -30.05 -9.65 -37.72
N PHE A 13 -29.56 -9.06 -36.64
CA PHE A 13 -29.99 -7.73 -36.21
C PHE A 13 -28.75 -6.91 -35.82
N GLN A 14 -28.18 -6.28 -36.85
CA GLN A 14 -27.03 -5.34 -36.77
C GLN A 14 -25.73 -5.90 -36.17
N ASN A 15 -25.51 -7.17 -36.44
CA ASN A 15 -24.36 -7.91 -35.94
C ASN A 15 -24.25 -7.92 -34.42
N ILE A 16 -25.39 -7.86 -33.75
CA ILE A 16 -25.44 -7.88 -32.30
C ILE A 16 -26.12 -9.18 -31.91
N MET A 17 -27.39 -9.29 -32.34
CA MET A 17 -28.21 -10.43 -32.02
C MET A 17 -28.74 -11.08 -33.29
N PHE A 18 -29.16 -12.33 -33.15
CA PHE A 18 -29.89 -13.03 -34.17
C PHE A 18 -31.15 -13.71 -33.59
N TYR A 19 -32.11 -13.95 -34.48
CA TYR A 19 -33.39 -14.53 -34.15
C TYR A 19 -33.73 -15.73 -35.04
N GLY A 20 -34.60 -16.61 -34.56
CA GLY A 20 -35.17 -17.62 -35.42
C GLY A 20 -36.61 -17.82 -35.09
N ASP A 21 -37.39 -18.20 -36.10
CA ASP A 21 -38.82 -18.43 -35.94
C ASP A 21 -39.16 -19.92 -35.65
N ALA A 22 -40.17 -20.11 -34.78
CA ALA A 22 -40.83 -21.38 -34.60
C ALA A 22 -42.33 -21.13 -34.29
N GLU A 23 -43.14 -22.17 -34.31
CA GLU A 23 -44.57 -22.05 -34.14
C GLU A 23 -44.99 -22.75 -32.88
N VAL A 24 -46.09 -22.31 -32.31
CA VAL A 24 -46.69 -23.04 -31.20
C VAL A 24 -48.16 -23.21 -31.51
N GLY A 25 -48.71 -24.39 -31.23
CA GLY A 25 -50.14 -24.65 -31.47
C GLY A 25 -50.36 -25.46 -32.74
N ASP A 26 -51.35 -26.34 -32.76
CA ASP A 26 -51.58 -27.14 -33.96
C ASP A 26 -52.02 -26.29 -35.16
N ASN A 27 -52.27 -25.01 -34.94
CA ASN A 27 -52.56 -24.05 -36.03
C ASN A 27 -51.31 -23.23 -36.46
N GLN A 28 -50.15 -23.62 -35.93
CA GLN A 28 -48.85 -23.05 -36.28
C GLN A 28 -48.84 -21.52 -36.18
N GLN A 29 -49.18 -21.02 -35.01
CA GLN A 29 -49.07 -19.57 -34.77
C GLN A 29 -47.56 -19.23 -34.75
N PRO A 30 -47.10 -18.26 -35.53
CA PRO A 30 -45.67 -17.93 -35.61
C PRO A 30 -45.17 -16.99 -34.51
N PHE A 31 -43.95 -17.24 -34.08
CA PHE A 31 -43.22 -16.43 -33.13
C PHE A 31 -41.78 -16.28 -33.56
N THR A 32 -41.20 -15.12 -33.26
CA THR A 32 -39.74 -14.86 -33.32
C THR A 32 -39.07 -15.04 -31.95
N PHE A 33 -38.02 -15.85 -31.93
CA PHE A 33 -37.37 -16.28 -30.70
C PHE A 33 -35.88 -15.89 -30.67
N ILE A 34 -35.38 -15.56 -29.50
CA ILE A 34 -33.97 -15.75 -29.19
C ILE A 34 -33.79 -17.26 -29.00
N LEU A 35 -32.90 -17.86 -29.78
CA LEU A 35 -32.53 -19.22 -29.62
C LEU A 35 -31.31 -19.30 -28.70
N ASP A 36 -31.49 -19.87 -27.52
CA ASP A 36 -30.59 -19.60 -26.37
C ASP A 36 -30.07 -20.87 -25.73
N THR A 37 -28.87 -21.27 -26.12
CA THR A 37 -28.26 -22.43 -25.49
C THR A 37 -27.90 -22.19 -24.04
N GLY A 38 -28.13 -20.96 -23.55
CA GLY A 38 -27.81 -20.62 -22.18
C GLY A 38 -29.01 -20.81 -21.28
N SER A 39 -30.12 -21.23 -21.86
CA SER A 39 -31.38 -21.42 -21.16
C SER A 39 -32.00 -22.79 -21.47
N ALA A 40 -33.02 -23.20 -20.71
CA ALA A 40 -33.62 -24.55 -20.88
C ALA A 40 -35.15 -24.59 -20.90
N ASN A 41 -35.75 -23.42 -21.10
CA ASN A 41 -37.20 -23.24 -21.19
C ASN A 41 -37.62 -22.50 -22.45
N LEU A 42 -38.83 -22.78 -22.90
CA LEU A 42 -39.51 -22.08 -23.99
C LEU A 42 -40.62 -21.20 -23.43
N TRP A 43 -40.68 -19.94 -23.84
CA TRP A 43 -41.79 -19.06 -23.49
C TRP A 43 -42.21 -18.19 -24.64
N VAL A 44 -43.52 -18.00 -24.78
CA VAL A 44 -44.09 -17.00 -25.68
C VAL A 44 -45.05 -16.09 -24.93
N PRO A 45 -45.14 -14.83 -25.32
CA PRO A 45 -46.10 -13.92 -24.67
C PRO A 45 -47.56 -14.35 -25.01
N SER A 46 -48.45 -14.29 -24.03
CA SER A 46 -49.80 -14.80 -24.15
C SER A 46 -50.73 -13.65 -24.43
N VAL A 47 -51.86 -13.96 -25.04
CA VAL A 47 -52.95 -12.97 -25.16
C VAL A 47 -53.40 -12.50 -23.78
N LYS A 48 -53.13 -13.28 -22.74
CA LYS A 48 -53.52 -12.88 -21.39
C LYS A 48 -52.51 -11.91 -20.72
N CYS A 49 -51.42 -11.60 -21.42
CA CYS A 49 -50.42 -10.62 -20.99
C CYS A 49 -51.06 -9.25 -20.80
N THR A 50 -50.75 -8.61 -19.68
CA THR A 50 -51.38 -7.33 -19.31
C THR A 50 -50.38 -6.17 -19.40
N THR A 51 -49.10 -6.48 -19.54
CA THR A 51 -48.11 -5.39 -19.63
C THR A 51 -47.92 -4.81 -21.03
N ALA A 52 -47.32 -3.62 -21.08
CA ALA A 52 -47.27 -2.81 -22.30
C ALA A 52 -46.39 -3.45 -23.38
N GLY A 53 -45.28 -4.06 -22.96
CA GLY A 53 -44.40 -4.71 -23.93
C GLY A 53 -45.09 -5.68 -24.89
N CYS A 54 -46.11 -6.38 -24.41
CA CYS A 54 -46.76 -7.43 -25.18
C CYS A 54 -47.58 -6.97 -26.40
N LEU A 55 -47.91 -5.68 -26.43
CA LEU A 55 -48.91 -5.11 -27.34
C LEU A 55 -48.49 -5.26 -28.79
N THR A 56 -47.21 -5.16 -29.10
CA THR A 56 -46.78 -5.37 -30.50
C THR A 56 -46.25 -6.75 -30.82
N LYS A 57 -46.39 -7.68 -29.89
CA LYS A 57 -45.79 -8.99 -30.05
C LYS A 57 -46.80 -9.96 -30.65
N HIS A 58 -46.32 -11.03 -31.25
CA HIS A 58 -47.21 -12.13 -31.58
C HIS A 58 -47.60 -12.77 -30.26
N LEU A 59 -48.92 -12.85 -30.02
CA LEU A 59 -49.45 -13.30 -28.75
C LEU A 59 -50.13 -14.62 -28.94
N TYR A 60 -49.64 -15.62 -28.21
CA TYR A 60 -50.18 -16.98 -28.27
C TYR A 60 -51.61 -17.11 -27.68
N ASP A 61 -52.50 -17.75 -28.45
CA ASP A 61 -53.92 -17.90 -28.04
C ASP A 61 -54.25 -19.38 -28.08
N SER A 62 -54.26 -19.99 -26.90
CA SER A 62 -54.50 -21.42 -26.70
C SER A 62 -55.87 -21.92 -27.15
N SER A 63 -56.84 -21.02 -27.16
CA SER A 63 -58.18 -21.33 -27.69
C SER A 63 -58.18 -21.61 -29.22
N LYS A 64 -57.08 -21.37 -29.92
CA LYS A 64 -57.01 -21.67 -31.34
C LYS A 64 -56.37 -23.05 -31.66
N SER A 65 -55.93 -23.79 -30.65
CA SER A 65 -55.24 -25.05 -30.90
C SER A 65 -55.96 -26.25 -30.30
N ARG A 66 -56.45 -27.15 -31.13
CA ARG A 66 -57.04 -28.41 -30.62
C ARG A 66 -56.03 -29.22 -29.77
N THR A 67 -54.74 -29.03 -29.96
CA THR A 67 -53.72 -29.78 -29.23
C THR A 67 -53.30 -29.16 -27.91
N TYR A 68 -53.84 -28.01 -27.55
CA TYR A 68 -53.55 -27.38 -26.27
C TYR A 68 -53.95 -28.27 -25.14
N GLU A 69 -53.17 -28.20 -24.08
CA GLU A 69 -53.38 -29.02 -22.89
C GLU A 69 -53.02 -28.14 -21.72
N LYS A 70 -54.05 -27.87 -20.92
CA LYS A 70 -53.99 -27.01 -19.76
C LYS A 70 -52.95 -27.50 -18.75
N ASP A 71 -52.37 -26.55 -18.00
CA ASP A 71 -51.50 -26.87 -16.88
C ASP A 71 -51.77 -25.86 -15.80
N GLY A 72 -51.31 -24.61 -15.99
CA GLY A 72 -51.61 -23.52 -15.08
C GLY A 72 -50.65 -23.19 -13.94
N THR A 73 -49.71 -24.08 -13.65
CA THR A 73 -48.74 -23.89 -12.57
C THR A 73 -47.98 -22.57 -12.76
N LYS A 74 -47.96 -21.68 -11.78
CA LYS A 74 -47.30 -20.39 -11.91
C LYS A 74 -45.78 -20.52 -11.98
N VAL A 75 -45.19 -19.67 -12.81
CA VAL A 75 -43.75 -19.73 -13.03
C VAL A 75 -43.14 -18.36 -13.30
N GLU A 76 -41.99 -18.13 -12.67
CA GLU A 76 -41.15 -17.00 -12.97
C GLU A 76 -39.87 -17.51 -13.65
N MET A 77 -39.50 -16.87 -14.76
CA MET A 77 -38.29 -17.19 -15.53
C MET A 77 -37.23 -16.13 -15.34
N ASN A 78 -36.14 -16.46 -14.67
CA ASN A 78 -35.10 -15.47 -14.39
C ASN A 78 -33.86 -15.68 -15.27
N TYR A 79 -33.46 -14.60 -15.92
CA TYR A 79 -32.22 -14.58 -16.70
C TYR A 79 -31.25 -13.66 -15.99
N VAL A 80 -30.01 -13.59 -16.46
CA VAL A 80 -29.06 -12.69 -15.85
C VAL A 80 -29.56 -11.25 -15.93
N SER A 81 -30.02 -10.83 -17.10
CA SER A 81 -30.39 -9.44 -17.32
C SER A 81 -31.92 -9.23 -17.53
N GLY A 82 -32.75 -10.06 -16.92
CA GLY A 82 -34.17 -9.78 -16.86
C GLY A 82 -35.01 -10.95 -16.40
N THR A 83 -36.31 -10.68 -16.27
CA THR A 83 -37.26 -11.62 -15.71
C THR A 83 -38.61 -11.47 -16.43
N VAL A 84 -39.30 -12.58 -16.61
CA VAL A 84 -40.66 -12.59 -17.13
C VAL A 84 -41.38 -13.66 -16.37
N SER A 85 -42.69 -13.49 -16.19
CA SER A 85 -43.46 -14.48 -15.45
C SER A 85 -44.77 -14.88 -16.13
N GLY A 86 -45.38 -15.98 -15.69
CA GLY A 86 -46.63 -16.44 -16.24
C GLY A 86 -46.98 -17.85 -15.76
N PHE A 87 -47.50 -18.69 -16.65
CA PHE A 87 -47.86 -20.04 -16.25
C PHE A 87 -47.51 -21.07 -17.29
N PHE A 88 -47.37 -22.31 -16.84
CA PHE A 88 -47.13 -23.43 -17.76
C PHE A 88 -48.36 -23.77 -18.58
N SER A 89 -48.07 -24.30 -19.78
CA SER A 89 -49.04 -24.83 -20.72
C SER A 89 -48.33 -25.88 -21.54
N LYS A 90 -49.11 -26.68 -22.26
CA LYS A 90 -48.56 -27.65 -23.19
C LYS A 90 -49.27 -27.56 -24.54
N ASP A 91 -48.53 -27.66 -25.62
CA ASP A 91 -49.11 -27.60 -26.95
C ASP A 91 -48.05 -28.06 -27.93
N LEU A 92 -48.46 -28.30 -29.16
CA LEU A 92 -47.50 -28.59 -30.22
C LEU A 92 -46.53 -27.45 -30.47
N VAL A 93 -45.24 -27.75 -30.41
CA VAL A 93 -44.23 -26.80 -30.74
C VAL A 93 -43.56 -27.29 -31.97
N THR A 94 -43.43 -26.41 -32.95
CA THR A 94 -42.85 -26.77 -34.22
C THR A 94 -41.59 -25.94 -34.54
N VAL A 95 -40.47 -26.65 -34.74
CA VAL A 95 -39.16 -26.04 -35.03
C VAL A 95 -38.64 -26.55 -36.40
N GLY A 96 -38.57 -25.69 -37.41
CA GLY A 96 -38.31 -26.12 -38.79
C GLY A 96 -39.46 -27.01 -39.28
N ASN A 97 -39.21 -28.30 -39.55
CA ASN A 97 -40.27 -29.21 -40.00
C ASN A 97 -40.56 -30.36 -39.04
N LEU A 98 -40.09 -30.23 -37.80
CA LEU A 98 -40.29 -31.22 -36.77
C LEU A 98 -41.11 -30.61 -35.67
N SER A 99 -42.09 -31.36 -35.21
CA SER A 99 -42.96 -30.89 -34.14
C SER A 99 -43.07 -31.90 -33.00
N LEU A 100 -43.53 -31.43 -31.85
CA LEU A 100 -43.79 -32.33 -30.74
C LEU A 100 -44.63 -31.67 -29.67
N PRO A 101 -45.46 -32.44 -28.97
CA PRO A 101 -46.14 -31.88 -27.81
C PRO A 101 -45.04 -31.46 -26.84
N TYR A 102 -45.12 -30.25 -26.28
CA TYR A 102 -44.05 -29.73 -25.45
C TYR A 102 -44.57 -28.74 -24.45
N LYS A 103 -43.95 -28.78 -23.28
CA LYS A 103 -44.34 -27.93 -22.18
C LYS A 103 -43.57 -26.62 -22.25
N PHE A 104 -44.28 -25.50 -22.17
CA PHE A 104 -43.71 -24.18 -22.29
C PHE A 104 -44.47 -23.20 -21.41
N ILE A 105 -44.03 -21.94 -21.41
CA ILE A 105 -44.55 -20.92 -20.53
C ILE A 105 -45.26 -19.87 -21.34
N GLU A 106 -46.46 -19.51 -20.85
CA GLU A 106 -47.25 -18.40 -21.36
C GLU A 106 -46.96 -17.23 -20.48
N VAL A 107 -46.22 -16.26 -21.01
CA VAL A 107 -45.80 -15.11 -20.24
C VAL A 107 -46.92 -14.09 -20.22
N ILE A 108 -47.29 -13.64 -19.01
CA ILE A 108 -48.29 -12.57 -18.86
C ILE A 108 -47.72 -11.23 -18.29
N ASP A 109 -46.47 -11.24 -17.84
CA ASP A 109 -45.80 -10.04 -17.30
C ASP A 109 -44.39 -9.90 -17.86
N THR A 110 -44.12 -8.81 -18.56
CA THR A 110 -42.83 -8.57 -19.20
C THR A 110 -42.11 -7.35 -18.63
N ASN A 111 -42.66 -6.72 -17.60
CA ASN A 111 -42.02 -5.54 -17.01
C ASN A 111 -40.58 -5.75 -16.65
N GLY A 112 -40.22 -6.96 -16.23
CA GLY A 112 -38.84 -7.31 -15.90
C GLY A 112 -37.90 -7.47 -17.09
N PHE A 113 -38.36 -7.21 -18.31
CA PHE A 113 -37.55 -7.31 -19.50
C PHE A 113 -37.42 -5.98 -20.22
N GLU A 114 -37.98 -4.92 -19.65
CA GLU A 114 -38.01 -3.65 -20.34
C GLU A 114 -36.79 -2.84 -19.92
N PRO A 115 -36.33 -1.90 -20.76
CA PRO A 115 -36.92 -1.54 -22.06
C PRO A 115 -36.52 -2.42 -23.25
N THR A 116 -35.52 -3.27 -23.08
CA THR A 116 -35.06 -4.12 -24.20
C THR A 116 -36.23 -4.77 -24.99
N TYR A 117 -37.18 -5.36 -24.29
CA TYR A 117 -38.28 -6.10 -24.93
C TYR A 117 -39.07 -5.34 -25.95
N THR A 118 -39.47 -4.12 -25.58
CA THR A 118 -40.28 -3.27 -26.45
C THR A 118 -39.45 -2.74 -27.65
N ALA A 119 -38.16 -2.53 -27.42
CA ALA A 119 -37.25 -2.06 -28.46
C ALA A 119 -36.87 -3.17 -29.45
N SER A 120 -37.10 -4.43 -29.10
CA SER A 120 -36.57 -5.55 -29.88
C SER A 120 -37.69 -6.25 -30.63
N THR A 121 -37.35 -7.06 -31.62
CA THR A 121 -38.34 -7.69 -32.48
C THR A 121 -38.77 -9.10 -32.01
N PHE A 122 -38.03 -9.70 -31.10
CA PHE A 122 -38.39 -11.04 -30.62
C PHE A 122 -39.62 -11.03 -29.71
N ASP A 123 -40.37 -12.13 -29.76
CA ASP A 123 -41.53 -12.38 -28.87
C ASP A 123 -41.17 -13.17 -27.64
N GLY A 124 -40.39 -14.23 -27.83
CA GLY A 124 -39.95 -15.06 -26.72
C GLY A 124 -38.54 -15.61 -26.80
N ILE A 125 -38.32 -16.60 -25.95
CA ILE A 125 -37.05 -17.30 -25.90
C ILE A 125 -37.26 -18.79 -25.97
N LEU A 126 -36.39 -19.46 -26.72
CA LEU A 126 -36.44 -20.89 -26.94
C LEU A 126 -35.12 -21.42 -26.48
N GLY A 127 -35.14 -22.04 -25.28
CA GLY A 127 -33.96 -22.51 -24.61
C GLY A 127 -33.50 -23.82 -25.22
N LEU A 128 -32.21 -24.08 -25.09
CA LEU A 128 -31.60 -25.19 -25.79
C LEU A 128 -30.49 -25.79 -24.96
N GLY A 129 -30.56 -25.55 -23.64
CA GLY A 129 -29.59 -26.10 -22.72
C GLY A 129 -30.04 -27.49 -22.29
N TRP A 130 -29.61 -27.92 -21.10
CA TRP A 130 -29.86 -29.25 -20.56
C TRP A 130 -31.00 -29.23 -19.55
N LYS A 131 -31.58 -30.40 -19.28
CA LYS A 131 -32.72 -30.53 -18.35
C LYS A 131 -32.58 -29.82 -17.01
N ASP A 132 -31.48 -30.02 -16.28
CA ASP A 132 -31.31 -29.48 -14.92
C ASP A 132 -31.16 -27.98 -14.91
N LEU A 133 -31.00 -27.39 -16.10
CA LEU A 133 -30.99 -25.94 -16.20
C LEU A 133 -32.41 -25.40 -16.25
N SER A 134 -33.34 -26.26 -16.65
CA SER A 134 -34.72 -25.86 -16.81
C SER A 134 -35.48 -25.70 -15.50
N ILE A 135 -36.49 -24.81 -15.54
CA ILE A 135 -37.48 -24.66 -14.50
C ILE A 135 -38.70 -25.48 -14.90
N GLY A 136 -39.08 -26.40 -14.03
CA GLY A 136 -40.20 -27.28 -14.23
C GLY A 136 -39.75 -28.59 -14.78
N SER A 137 -38.48 -28.92 -14.59
CA SER A 137 -37.97 -30.26 -14.90
C SER A 137 -38.33 -30.74 -16.33
N VAL A 138 -38.02 -29.94 -17.34
CA VAL A 138 -38.48 -30.21 -18.70
C VAL A 138 -37.32 -30.64 -19.59
N ASP A 139 -37.52 -31.80 -20.22
CA ASP A 139 -36.54 -32.39 -21.12
C ASP A 139 -36.31 -31.47 -22.31
N PRO A 140 -35.04 -31.27 -22.70
CA PRO A 140 -34.73 -30.40 -23.86
C PRO A 140 -35.50 -30.82 -25.09
N ILE A 141 -35.90 -29.87 -25.92
CA ILE A 141 -36.59 -30.15 -27.19
C ILE A 141 -35.92 -31.23 -28.02
N VAL A 142 -34.62 -31.06 -28.24
CA VAL A 142 -33.86 -31.99 -29.08
C VAL A 142 -33.71 -33.41 -28.45
N VAL A 143 -33.61 -33.48 -27.13
CA VAL A 143 -33.59 -34.77 -26.42
C VAL A 143 -34.94 -35.51 -26.58
N GLU A 144 -36.03 -34.78 -26.48
CA GLU A 144 -37.36 -35.33 -26.71
C GLU A 144 -37.55 -35.82 -28.13
N LEU A 145 -37.09 -35.04 -29.10
CA LEU A 145 -37.20 -35.42 -30.49
C LEU A 145 -36.52 -36.79 -30.69
N LYS A 146 -35.40 -36.98 -30.02
CA LYS A 146 -34.65 -38.22 -30.14
C LYS A 146 -35.41 -39.40 -29.51
N ASN A 147 -35.95 -39.16 -28.31
CA ASN A 147 -36.66 -40.14 -27.52
C ASN A 147 -37.96 -40.50 -28.18
N GLN A 148 -38.51 -39.58 -28.98
CA GLN A 148 -39.75 -39.78 -29.75
C GLN A 148 -39.48 -40.26 -31.17
N ASN A 149 -38.22 -40.60 -31.44
CA ASN A 149 -37.83 -41.13 -32.73
C ASN A 149 -38.07 -40.21 -33.93
N LYS A 150 -38.17 -38.90 -33.67
CA LYS A 150 -38.32 -37.90 -34.71
C LYS A 150 -36.96 -37.42 -35.26
N ILE A 151 -35.88 -37.68 -34.52
CA ILE A 151 -34.49 -37.55 -35.01
C ILE A 151 -33.68 -38.76 -34.58
N GLU A 152 -32.64 -39.05 -35.33
CA GLU A 152 -31.73 -40.14 -35.00
C GLU A 152 -30.57 -39.75 -34.11
N ASN A 153 -30.16 -38.48 -34.14
CA ASN A 153 -29.06 -38.00 -33.29
C ASN A 153 -29.49 -36.75 -32.48
N ALA A 154 -29.38 -36.84 -31.16
CA ALA A 154 -29.70 -35.72 -30.27
C ALA A 154 -28.58 -34.69 -30.26
N LEU A 155 -28.49 -33.92 -31.34
CA LEU A 155 -27.51 -32.85 -31.44
C LEU A 155 -28.03 -31.74 -32.35
N PHE A 156 -27.52 -30.54 -32.15
CA PHE A 156 -27.83 -29.38 -32.97
C PHE A 156 -26.60 -28.49 -33.19
N THR A 157 -26.63 -27.68 -34.23
CA THR A 157 -25.50 -26.81 -34.54
C THR A 157 -25.93 -25.40 -34.79
N PHE A 158 -25.03 -24.47 -34.55
CA PHE A 158 -25.27 -23.07 -34.91
C PHE A 158 -24.26 -22.55 -35.92
N TYR A 159 -24.73 -22.16 -37.10
CA TYR A 159 -24.00 -21.33 -38.05
C TYR A 159 -24.62 -19.93 -38.06
N LEU A 160 -23.95 -18.96 -37.41
CA LEU A 160 -24.54 -17.64 -37.16
C LEU A 160 -24.55 -16.79 -38.40
N PRO A 161 -25.54 -15.91 -38.52
CA PRO A 161 -25.56 -14.95 -39.63
C PRO A 161 -24.58 -13.79 -39.38
N VAL A 162 -24.09 -13.19 -40.46
CA VAL A 162 -23.28 -11.96 -40.37
C VAL A 162 -24.00 -10.81 -41.08
N HIS A 163 -24.06 -9.64 -40.47
CA HIS A 163 -24.80 -8.49 -41.05
C HIS A 163 -24.30 -8.17 -42.45
N ASP A 164 -25.23 -8.10 -43.42
CA ASP A 164 -24.99 -7.71 -44.82
C ASP A 164 -24.04 -8.63 -45.58
N LYS A 165 -23.92 -9.88 -45.13
CA LYS A 165 -23.07 -10.89 -45.77
C LYS A 165 -23.85 -12.22 -46.03
N HIS A 166 -24.46 -12.79 -44.99
CA HIS A 166 -25.24 -14.05 -45.14
C HIS A 166 -26.21 -14.33 -43.97
N THR A 167 -27.20 -15.17 -44.25
CA THR A 167 -28.10 -15.67 -43.19
C THR A 167 -27.44 -16.84 -42.52
N GLY A 168 -28.07 -17.28 -41.45
CA GLY A 168 -27.56 -18.35 -40.62
C GLY A 168 -28.49 -19.51 -40.59
N PHE A 169 -28.09 -20.55 -39.87
CA PHE A 169 -28.88 -21.76 -39.71
C PHE A 169 -28.70 -22.37 -38.32
N LEU A 170 -29.81 -22.60 -37.65
CA LEU A 170 -29.87 -23.61 -36.60
C LEU A 170 -30.27 -24.94 -37.24
N THR A 171 -29.43 -25.95 -37.04
CA THR A 171 -29.62 -27.27 -37.63
C THR A 171 -29.74 -28.30 -36.54
N ILE A 172 -30.78 -29.12 -36.60
CA ILE A 172 -31.02 -30.13 -35.62
C ILE A 172 -30.87 -31.47 -36.34
N GLY A 173 -30.11 -32.36 -35.72
CA GLY A 173 -30.06 -33.75 -36.12
C GLY A 173 -28.80 -34.25 -36.78
N GLY A 174 -27.97 -33.35 -37.31
CA GLY A 174 -26.68 -33.73 -37.89
C GLY A 174 -25.78 -32.54 -38.27
N ILE A 175 -24.50 -32.84 -38.48
CA ILE A 175 -23.47 -31.84 -38.80
C ILE A 175 -23.25 -31.71 -40.31
N GLU A 176 -23.36 -30.49 -40.82
CA GLU A 176 -23.17 -30.19 -42.24
C GLU A 176 -21.82 -29.49 -42.50
N GLU A 177 -20.93 -30.20 -43.20
CA GLU A 177 -19.62 -29.69 -43.52
C GLU A 177 -19.65 -28.33 -44.23
N ARG A 178 -20.77 -27.99 -44.88
CA ARG A 178 -20.80 -26.71 -45.62
C ARG A 178 -20.74 -25.45 -44.73
N PHE A 179 -20.91 -25.62 -43.42
CA PHE A 179 -20.95 -24.47 -42.51
C PHE A 179 -19.58 -24.09 -41.97
N TYR A 180 -18.62 -25.00 -42.05
CA TYR A 180 -17.31 -24.81 -41.44
C TYR A 180 -16.07 -25.21 -42.26
N GLU A 181 -14.92 -24.70 -41.84
CA GLU A 181 -13.63 -25.08 -42.40
C GLU A 181 -12.62 -25.36 -41.30
N GLY A 182 -11.59 -26.11 -41.70
CA GLY A 182 -10.55 -26.57 -40.80
C GLY A 182 -11.14 -27.63 -39.91
N PRO A 183 -10.38 -28.16 -38.97
CA PRO A 183 -10.86 -29.28 -38.15
C PRO A 183 -11.99 -28.91 -37.19
N LEU A 184 -12.80 -29.94 -36.88
CA LEU A 184 -13.83 -29.87 -35.83
C LEU A 184 -13.29 -30.51 -34.59
N THR A 185 -13.23 -29.75 -33.50
CA THR A 185 -12.67 -30.22 -32.25
C THR A 185 -13.75 -30.34 -31.21
N TYR A 186 -13.74 -31.43 -30.49
CA TYR A 186 -14.74 -31.69 -29.47
C TYR A 186 -14.19 -31.43 -28.07
N GLU A 187 -15.02 -30.77 -27.26
CA GLU A 187 -14.70 -30.44 -25.87
C GLU A 187 -15.81 -30.97 -25.00
N LYS A 188 -15.45 -31.78 -24.02
CA LYS A 188 -16.40 -32.46 -23.15
C LYS A 188 -16.94 -31.49 -22.15
N LEU A 189 -18.24 -31.59 -21.92
CA LEU A 189 -18.90 -30.81 -20.88
C LEU A 189 -18.30 -31.04 -19.48
N ASN A 190 -18.13 -29.96 -18.73
CA ASN A 190 -17.74 -30.11 -17.34
C ASN A 190 -18.98 -30.31 -16.43
N HIS A 191 -20.16 -30.05 -17.00
CA HIS A 191 -21.47 -30.06 -16.31
C HIS A 191 -22.56 -30.16 -17.40
N ASP A 192 -23.46 -31.16 -17.29
CA ASP A 192 -24.70 -31.23 -18.06
C ASP A 192 -25.74 -30.17 -17.60
N LEU A 193 -25.49 -28.90 -17.87
CA LEU A 193 -26.35 -27.82 -17.39
C LEU A 193 -26.46 -26.76 -18.48
N TYR A 194 -25.48 -25.86 -18.52
CA TYR A 194 -25.27 -25.02 -19.67
C TYR A 194 -24.41 -25.87 -20.57
N TRP A 195 -24.15 -25.39 -21.81
CA TRP A 195 -23.12 -26.01 -22.64
C TRP A 195 -21.82 -25.39 -22.22
N GLN A 196 -21.23 -25.93 -21.15
CA GLN A 196 -20.03 -25.38 -20.50
C GLN A 196 -18.86 -26.35 -20.49
N ILE A 197 -17.71 -25.85 -20.88
CA ILE A 197 -16.51 -26.64 -21.04
C ILE A 197 -15.35 -25.96 -20.32
N THR A 198 -14.33 -26.74 -20.04
CA THR A 198 -13.17 -26.24 -19.32
C THR A 198 -12.05 -25.90 -20.31
N LEU A 199 -11.59 -24.65 -20.26
CA LEU A 199 -10.53 -24.17 -21.13
C LEU A 199 -9.62 -23.19 -20.38
N ASP A 200 -8.37 -23.15 -20.80
CA ASP A 200 -7.40 -22.19 -20.30
C ASP A 200 -7.59 -20.87 -21.03
N ALA A 201 -7.86 -19.81 -20.30
CA ALA A 201 -8.04 -18.47 -20.90
C ALA A 201 -6.77 -17.62 -20.77
N HIS A 202 -6.38 -16.99 -21.88
CA HIS A 202 -5.24 -16.05 -21.91
C HIS A 202 -5.61 -14.82 -22.73
N VAL A 203 -5.49 -13.64 -22.16
CA VAL A 203 -5.59 -12.43 -22.97
C VAL A 203 -4.24 -11.78 -23.21
N GLY A 204 -3.60 -11.23 -22.21
CA GLY A 204 -2.30 -10.65 -22.51
C GLY A 204 -1.25 -11.45 -21.77
N ASN A 205 -0.78 -10.84 -20.69
CA ASN A 205 -0.02 -11.54 -19.69
C ASN A 205 -1.01 -11.97 -18.58
N ILE A 206 -2.29 -12.03 -18.90
CA ILE A 206 -3.34 -12.45 -17.99
C ILE A 206 -3.74 -13.86 -18.39
N MET A 207 -3.94 -14.74 -17.40
CA MET A 207 -4.38 -16.12 -17.60
C MET A 207 -5.40 -16.53 -16.52
N LEU A 208 -6.31 -17.43 -16.92
CA LEU A 208 -7.15 -18.17 -15.97
C LEU A 208 -7.18 -19.62 -16.42
N GLU A 209 -6.36 -20.44 -15.80
CA GLU A 209 -6.37 -21.88 -16.12
C GLU A 209 -7.68 -22.55 -15.66
N LYS A 210 -8.11 -23.54 -16.44
CA LYS A 210 -9.33 -24.36 -16.15
C LYS A 210 -10.54 -23.47 -15.94
N ALA A 211 -10.67 -22.46 -16.80
CA ALA A 211 -11.80 -21.58 -16.68
C ALA A 211 -13.05 -22.31 -17.18
N ASN A 212 -14.17 -22.00 -16.53
CA ASN A 212 -15.48 -22.48 -16.92
C ASN A 212 -15.99 -21.56 -18.01
N CYS A 213 -16.31 -22.12 -19.16
CA CYS A 213 -16.68 -21.39 -20.36
C CYS A 213 -18.04 -21.87 -20.87
N ILE A 214 -19.03 -21.00 -20.78
CA ILE A 214 -20.35 -21.21 -21.28
C ILE A 214 -20.49 -20.74 -22.72
N VAL A 215 -20.89 -21.66 -23.59
CA VAL A 215 -21.14 -21.31 -24.98
C VAL A 215 -22.63 -20.99 -25.05
N ASP A 216 -22.90 -19.69 -25.19
CA ASP A 216 -24.22 -19.10 -25.05
C ASP A 216 -24.65 -18.26 -26.27
N SER A 217 -25.48 -18.86 -27.10
CA SER A 217 -26.05 -18.22 -28.29
C SER A 217 -27.05 -17.14 -27.96
N GLY A 218 -27.56 -17.15 -26.72
CA GLY A 218 -28.56 -16.17 -26.30
C GLY A 218 -27.98 -14.95 -25.65
N THR A 219 -26.67 -14.78 -25.79
CA THR A 219 -25.93 -13.69 -25.18
C THR A 219 -25.14 -12.92 -26.25
N SER A 220 -25.24 -11.60 -26.22
CA SER A 220 -24.77 -10.77 -27.30
C SER A 220 -23.39 -10.17 -27.01
N ALA A 221 -22.79 -10.55 -25.91
CA ALA A 221 -21.44 -10.17 -25.58
C ALA A 221 -20.56 -11.37 -25.22
N ILE A 222 -19.30 -11.10 -24.93
CA ILE A 222 -18.46 -12.00 -24.17
C ILE A 222 -18.50 -11.47 -22.73
N THR A 223 -18.65 -12.33 -21.75
CA THR A 223 -18.52 -11.89 -20.37
C THR A 223 -17.31 -12.55 -19.77
N VAL A 224 -16.58 -11.79 -18.94
CA VAL A 224 -15.42 -12.30 -18.23
C VAL A 224 -15.54 -11.97 -16.75
N PRO A 225 -14.85 -12.69 -15.87
CA PRO A 225 -14.81 -12.32 -14.45
C PRO A 225 -14.25 -10.92 -14.29
N THR A 226 -14.79 -10.15 -13.35
CA THR A 226 -14.52 -8.72 -13.32
C THR A 226 -13.07 -8.38 -13.04
N ASP A 227 -12.39 -9.10 -12.15
CA ASP A 227 -10.96 -8.82 -11.95
C ASP A 227 -10.19 -9.02 -13.26
N PHE A 228 -10.50 -10.07 -14.01
CA PHE A 228 -9.87 -10.38 -15.30
C PHE A 228 -10.10 -9.22 -16.27
N LEU A 229 -11.33 -8.70 -16.31
CA LEU A 229 -11.60 -7.53 -17.15
C LEU A 229 -10.77 -6.36 -16.74
N ASN A 230 -10.74 -6.05 -15.45
CA ASN A 230 -9.97 -4.90 -14.98
C ASN A 230 -8.49 -5.00 -15.37
N LYS A 231 -7.88 -6.13 -15.10
CA LYS A 231 -6.53 -6.41 -15.60
C LYS A 231 -6.42 -6.22 -17.13
N MET A 232 -7.39 -6.64 -17.92
CA MET A 232 -7.36 -6.40 -19.39
C MET A 232 -7.35 -4.95 -19.77
N LEU A 233 -8.14 -4.17 -19.05
CA LEU A 233 -8.29 -2.75 -19.32
C LEU A 233 -7.04 -1.91 -18.96
N GLN A 234 -6.18 -2.42 -18.08
CA GLN A 234 -5.05 -1.64 -17.58
C GLN A 234 -4.27 -1.05 -18.78
N ASN A 235 -4.20 0.29 -18.85
CA ASN A 235 -3.31 1.02 -19.77
C ASN A 235 -3.59 0.60 -21.23
N LEU A 236 -4.87 0.66 -21.61
CA LEU A 236 -5.36 0.11 -22.88
C LEU A 236 -6.02 1.15 -23.77
N ASP A 237 -6.10 2.40 -23.32
CA ASP A 237 -6.77 3.45 -24.06
C ASP A 237 -8.22 3.11 -24.32
N VAL A 238 -8.96 2.73 -23.28
CA VAL A 238 -10.42 2.68 -23.32
C VAL A 238 -10.99 3.53 -22.20
N ILE A 239 -12.16 4.13 -22.43
CA ILE A 239 -12.74 5.00 -21.42
C ILE A 239 -14.02 4.42 -20.84
N LYS A 240 -14.00 4.21 -19.51
CA LYS A 240 -15.14 3.75 -18.76
C LYS A 240 -16.16 4.86 -18.76
N VAL A 241 -17.28 4.60 -19.43
CA VAL A 241 -18.38 5.53 -19.51
C VAL A 241 -19.02 5.65 -18.12
N PHE A 246 -19.77 -0.05 -19.43
CA PHE A 246 -19.61 -0.11 -20.87
C PHE A 246 -18.48 0.80 -21.34
N TYR A 247 -17.71 0.28 -22.29
CA TYR A 247 -16.40 0.80 -22.63
C TYR A 247 -16.31 1.15 -24.10
N VAL A 248 -15.79 2.33 -24.39
CA VAL A 248 -15.68 2.78 -25.77
C VAL A 248 -14.21 2.89 -26.12
N THR A 249 -13.90 2.56 -27.35
CA THR A 249 -12.54 2.57 -27.87
C THR A 249 -12.56 2.94 -29.34
N LEU A 250 -11.41 3.37 -29.82
CA LEU A 250 -11.19 3.50 -31.27
C LEU A 250 -11.22 2.08 -31.79
N CYS A 251 -11.86 1.85 -32.94
CA CYS A 251 -11.99 0.50 -33.50
C CYS A 251 -10.65 -0.13 -33.87
N ASN A 252 -9.67 0.72 -34.16
CA ASN A 252 -8.32 0.32 -34.59
C ASN A 252 -7.31 0.41 -33.48
N ASN A 253 -7.80 0.63 -32.26
CA ASN A 253 -6.94 0.74 -31.10
C ASN A 253 -5.99 -0.44 -31.13
N SER A 254 -4.73 -0.16 -31.45
CA SER A 254 -3.75 -1.21 -31.74
C SER A 254 -3.36 -2.04 -30.51
N LYS A 255 -3.75 -1.58 -29.33
CA LYS A 255 -3.41 -2.28 -28.09
C LYS A 255 -4.47 -3.29 -27.71
N LEU A 256 -5.51 -3.43 -28.52
CA LEU A 256 -6.61 -4.35 -28.17
C LEU A 256 -6.14 -5.80 -28.36
N PRO A 257 -6.20 -6.59 -27.29
CA PRO A 257 -5.66 -7.94 -27.27
C PRO A 257 -6.58 -8.99 -27.87
N THR A 258 -5.98 -10.16 -28.05
CA THR A 258 -6.64 -11.33 -28.58
C THR A 258 -6.87 -12.35 -27.48
N PHE A 259 -8.12 -12.78 -27.29
CA PHE A 259 -8.46 -13.91 -26.43
C PHE A 259 -7.89 -15.22 -26.98
N GLU A 260 -7.27 -16.02 -26.11
CA GLU A 260 -6.85 -17.39 -26.45
C GLU A 260 -7.50 -18.31 -25.46
N PHE A 261 -8.11 -19.37 -25.98
CA PHE A 261 -8.66 -20.41 -25.16
C PHE A 261 -8.06 -21.72 -25.65
N THR A 262 -7.35 -22.42 -24.76
CA THR A 262 -6.67 -23.63 -25.14
C THR A 262 -7.19 -24.84 -24.39
N SER A 263 -7.01 -25.99 -25.01
CA SER A 263 -7.48 -27.23 -24.41
C SER A 263 -6.55 -28.37 -24.70
N GLU A 264 -6.84 -29.47 -24.00
CA GLU A 264 -6.24 -30.79 -24.19
C GLU A 264 -5.90 -31.04 -25.64
N ASN A 265 -6.77 -30.63 -26.57
CA ASN A 265 -6.52 -30.81 -27.99
C ASN A 265 -7.21 -29.80 -28.94
N GLY A 266 -7.43 -28.57 -28.48
CA GLY A 266 -7.93 -27.53 -29.35
C GLY A 266 -7.45 -26.12 -28.98
N LYS A 267 -7.23 -25.28 -29.99
CA LYS A 267 -6.80 -23.89 -29.74
C LYS A 267 -7.77 -22.94 -30.41
N TYR A 268 -8.36 -22.01 -29.69
CA TYR A 268 -9.36 -21.12 -30.29
C TYR A 268 -9.03 -19.66 -29.94
N THR A 269 -9.11 -18.75 -30.89
CA THR A 269 -8.84 -17.35 -30.62
C THR A 269 -10.03 -16.44 -30.92
N LEU A 270 -10.08 -15.29 -30.25
CA LEU A 270 -11.05 -14.25 -30.55
C LEU A 270 -10.38 -12.88 -30.58
N GLU A 271 -10.33 -12.31 -31.78
CA GLU A 271 -9.59 -11.08 -32.10
C GLU A 271 -10.53 -9.87 -31.92
N PRO A 272 -10.02 -8.64 -31.88
CA PRO A 272 -10.89 -7.46 -31.70
C PRO A 272 -11.99 -7.30 -32.71
N GLU A 273 -11.76 -7.67 -33.98
CA GLU A 273 -12.79 -7.48 -34.99
C GLU A 273 -14.08 -8.25 -34.67
N TYR A 274 -13.99 -9.34 -33.89
CA TYR A 274 -15.19 -10.12 -33.53
C TYR A 274 -15.90 -9.59 -32.27
N TYR A 275 -15.13 -9.12 -31.29
CA TYR A 275 -15.72 -8.67 -30.01
C TYR A 275 -15.93 -7.16 -29.88
N LEU A 276 -15.76 -6.42 -30.97
CA LEU A 276 -16.06 -4.99 -31.01
C LEU A 276 -17.40 -4.79 -31.70
N GLN A 277 -18.31 -4.09 -31.01
CA GLN A 277 -19.63 -3.77 -31.54
C GLN A 277 -19.52 -2.39 -32.11
N HIS A 278 -19.32 -2.32 -33.43
CA HIS A 278 -19.24 -1.06 -34.17
C HIS A 278 -20.42 -0.18 -33.81
N ILE A 279 -20.14 1.08 -33.53
CA ILE A 279 -21.19 2.05 -33.24
C ILE A 279 -20.87 3.32 -34.00
N GLU A 280 -20.65 3.17 -35.31
CA GLU A 280 -20.16 4.27 -36.14
C GLU A 280 -21.23 5.36 -36.41
N ASP A 281 -22.48 5.11 -35.95
CA ASP A 281 -23.53 6.13 -35.87
C ASP A 281 -23.46 7.01 -34.61
N VAL A 282 -22.84 6.53 -33.52
CA VAL A 282 -22.45 7.46 -32.42
C VAL A 282 -21.27 8.33 -32.88
N GLY A 283 -20.43 7.77 -33.72
CA GLY A 283 -19.27 8.49 -34.24
C GLY A 283 -18.50 7.70 -35.28
N PRO A 284 -17.65 8.38 -36.03
CA PRO A 284 -16.99 7.80 -37.22
C PRO A 284 -16.18 6.53 -36.94
N GLY A 285 -15.02 6.63 -36.29
CA GLY A 285 -14.18 5.47 -36.01
C GLY A 285 -14.33 5.02 -34.56
N LEU A 286 -15.50 4.46 -34.23
CA LEU A 286 -15.88 4.26 -32.83
C LEU A 286 -16.47 2.89 -32.58
N CYS A 287 -15.89 2.21 -31.59
CA CYS A 287 -16.34 0.90 -31.15
C CYS A 287 -16.66 0.83 -29.67
N MET A 288 -17.60 -0.04 -29.40
CA MET A 288 -17.93 -0.48 -28.09
C MET A 288 -17.12 -1.75 -27.87
N LEU A 289 -16.51 -1.86 -26.70
CA LEU A 289 -16.06 -3.14 -26.23
C LEU A 289 -17.29 -4.00 -25.92
N ASN A 290 -17.44 -5.11 -26.62
CA ASN A 290 -18.59 -5.95 -26.38
C ASN A 290 -18.25 -7.03 -25.35
N ILE A 291 -17.59 -6.61 -24.27
CA ILE A 291 -17.09 -7.46 -23.20
C ILE A 291 -17.66 -6.87 -21.89
N ILE A 292 -18.28 -7.73 -21.08
CA ILE A 292 -18.92 -7.30 -19.86
C ILE A 292 -18.24 -8.05 -18.70
N GLY A 293 -18.14 -7.41 -17.54
CA GLY A 293 -17.71 -8.08 -16.33
C GLY A 293 -18.88 -8.73 -15.63
N LEU A 294 -18.77 -10.00 -15.28
CA LEU A 294 -19.83 -10.67 -14.53
C LEU A 294 -19.24 -11.82 -13.70
N ASP A 295 -19.63 -11.85 -12.42
CA ASP A 295 -19.04 -12.77 -11.45
C ASP A 295 -20.03 -13.85 -11.04
N PHE A 296 -19.63 -15.09 -11.26
CA PHE A 296 -20.33 -16.25 -10.73
C PHE A 296 -19.52 -16.90 -9.59
N PRO A 297 -20.13 -17.75 -8.76
CA PRO A 297 -19.41 -18.51 -7.72
C PRO A 297 -18.05 -19.04 -8.19
N VAL A 298 -18.00 -19.72 -9.35
CA VAL A 298 -16.70 -20.05 -9.94
C VAL A 298 -16.42 -19.13 -11.12
N PRO A 299 -15.21 -18.63 -11.24
CA PRO A 299 -14.83 -17.79 -12.36
C PRO A 299 -15.25 -18.38 -13.74
N THR A 300 -16.16 -17.66 -14.40
CA THR A 300 -16.75 -18.06 -15.66
C THR A 300 -16.53 -17.03 -16.75
N PHE A 301 -16.34 -17.57 -17.95
CA PHE A 301 -16.43 -16.83 -19.21
C PHE A 301 -17.69 -17.21 -19.96
N ILE A 302 -18.53 -16.27 -20.36
CA ILE A 302 -19.56 -16.64 -21.33
C ILE A 302 -19.13 -16.30 -22.75
N LEU A 303 -18.85 -17.31 -23.56
CA LEU A 303 -18.60 -17.10 -24.99
C LEU A 303 -19.94 -16.96 -25.69
N GLY A 304 -20.37 -15.72 -25.94
CA GLY A 304 -21.61 -15.44 -26.62
C GLY A 304 -21.51 -15.30 -28.14
N ASP A 305 -22.45 -14.55 -28.71
CA ASP A 305 -22.51 -14.36 -30.15
C ASP A 305 -21.20 -13.95 -30.82
N PRO A 306 -20.38 -13.10 -30.20
CA PRO A 306 -19.11 -12.75 -30.85
C PRO A 306 -18.23 -13.96 -31.15
N PHE A 307 -18.16 -14.86 -30.22
CA PHE A 307 -17.44 -16.10 -30.42
C PHE A 307 -18.09 -17.03 -31.47
N MET A 308 -19.42 -17.16 -31.42
CA MET A 308 -20.15 -18.14 -32.24
C MET A 308 -20.33 -17.64 -33.66
N ARG A 309 -20.10 -16.35 -33.87
CA ARG A 309 -20.08 -15.72 -35.17
C ARG A 309 -18.80 -16.10 -35.98
N LYS A 310 -17.68 -16.21 -35.25
CA LYS A 310 -16.41 -16.70 -35.78
C LYS A 310 -16.39 -18.22 -35.87
N TYR A 311 -16.85 -18.92 -34.81
CA TYR A 311 -16.76 -20.36 -34.74
C TYR A 311 -18.15 -20.99 -34.92
N PHE A 312 -18.23 -21.93 -35.85
CA PHE A 312 -19.35 -22.86 -35.97
C PHE A 312 -19.38 -23.77 -34.76
N THR A 313 -20.56 -24.09 -34.23
CA THR A 313 -20.61 -24.93 -33.03
C THR A 313 -21.58 -26.06 -33.13
N VAL A 314 -21.27 -27.16 -32.47
CA VAL A 314 -22.12 -28.33 -32.37
C VAL A 314 -22.35 -28.67 -30.89
N PHE A 315 -23.62 -28.89 -30.56
CA PHE A 315 -24.06 -29.22 -29.21
C PHE A 315 -24.64 -30.63 -29.27
N ASP A 316 -23.91 -31.58 -28.71
CA ASP A 316 -24.21 -33.00 -28.86
C ASP A 316 -24.60 -33.55 -27.50
N TYR A 317 -25.88 -33.86 -27.33
CA TYR A 317 -26.34 -34.38 -26.05
C TYR A 317 -25.90 -35.85 -25.86
N ASP A 318 -25.88 -36.65 -26.92
CA ASP A 318 -25.50 -38.07 -26.78
C ASP A 318 -24.05 -38.25 -26.27
N ASN A 319 -23.16 -37.41 -26.77
CA ASN A 319 -21.72 -37.49 -26.48
C ASN A 319 -21.30 -36.44 -25.45
N HIS A 320 -22.30 -35.77 -24.88
CA HIS A 320 -22.09 -34.78 -23.84
C HIS A 320 -20.95 -33.82 -24.13
N SER A 321 -20.99 -33.19 -25.30
CA SER A 321 -19.88 -32.38 -25.76
C SER A 321 -20.26 -31.27 -26.71
N VAL A 322 -19.32 -30.32 -26.84
CA VAL A 322 -19.44 -29.23 -27.77
C VAL A 322 -18.30 -29.31 -28.80
N GLY A 323 -18.66 -29.19 -30.09
CA GLY A 323 -17.73 -29.23 -31.20
C GLY A 323 -17.56 -27.80 -31.65
N ILE A 324 -16.35 -27.47 -32.05
CA ILE A 324 -15.97 -26.13 -32.43
C ILE A 324 -15.09 -26.13 -33.68
N ALA A 325 -15.42 -25.27 -34.63
CA ALA A 325 -14.64 -25.15 -35.84
C ALA A 325 -14.84 -23.76 -36.40
N LEU A 326 -13.92 -23.34 -37.26
CA LEU A 326 -14.06 -22.08 -37.95
C LEU A 326 -15.28 -22.08 -38.84
N ALA A 327 -16.09 -21.03 -38.73
CA ALA A 327 -17.27 -20.91 -39.55
C ALA A 327 -16.85 -20.43 -40.95
N LYS A 328 -17.46 -20.99 -41.98
CA LYS A 328 -17.20 -20.51 -43.34
C LYS A 328 -17.66 -19.07 -43.45
N LYS A 329 -16.77 -18.22 -43.96
CA LYS A 329 -17.03 -16.78 -44.08
C LYS A 329 -18.21 -16.47 -45.00
N ASN A 330 -18.53 -17.40 -45.91
CA ASN A 330 -19.72 -17.27 -46.76
C ASN A 330 -20.11 -18.64 -47.31
N LEU A 331 -21.42 -18.87 -47.38
CA LEU A 331 -21.96 -20.11 -47.99
C LEU A 331 -22.09 -19.97 -49.52
N SER B 3 31.03 31.91 48.14
CA SER B 3 31.57 31.55 46.79
C SER B 3 32.23 32.74 46.03
N SER B 4 33.46 32.51 45.59
CA SER B 4 34.17 33.46 44.78
C SER B 4 33.99 33.08 43.32
N ASN B 5 32.98 32.28 43.00
CA ASN B 5 32.71 31.86 41.62
C ASN B 5 31.30 32.07 41.08
N ASP B 6 31.18 32.06 39.76
CA ASP B 6 29.89 32.10 39.08
C ASP B 6 29.31 30.68 38.95
N ASN B 7 28.18 30.45 39.61
CA ASN B 7 27.49 29.18 39.63
C ASN B 7 26.18 29.25 38.89
N ILE B 8 25.94 28.33 37.95
CA ILE B 8 24.66 28.28 37.26
C ILE B 8 24.00 26.93 37.50
N GLU B 9 22.81 26.95 38.07
CA GLU B 9 22.17 25.72 38.49
C GLU B 9 21.75 24.92 37.28
N LEU B 10 21.85 23.60 37.44
CA LEU B 10 21.52 22.61 36.43
C LEU B 10 20.35 21.77 36.91
N VAL B 11 19.42 21.49 36.01
CA VAL B 11 18.21 20.71 36.33
C VAL B 11 18.24 19.41 35.56
N ASP B 12 17.73 18.36 36.20
CA ASP B 12 17.79 17.03 35.66
C ASP B 12 16.54 16.77 34.82
N PHE B 13 16.69 15.94 33.78
CA PHE B 13 15.54 15.47 33.00
C PHE B 13 15.57 13.97 32.83
N GLN B 14 14.74 13.26 33.63
CA GLN B 14 14.57 11.78 33.56
C GLN B 14 15.86 10.94 33.72
N ASN B 15 16.88 11.53 34.35
CA ASN B 15 18.13 10.85 34.65
C ASN B 15 19.00 10.60 33.42
N ILE B 16 18.91 11.47 32.43
CA ILE B 16 19.56 11.22 31.14
C ILE B 16 20.27 12.48 30.61
N MET B 17 19.53 13.60 30.57
CA MET B 17 20.08 14.90 30.22
C MET B 17 19.80 15.92 31.32
N PHE B 18 20.65 16.94 31.35
CA PHE B 18 20.46 18.08 32.20
C PHE B 18 20.54 19.37 31.34
N TYR B 19 19.88 20.41 31.86
CA TYR B 19 19.85 21.71 31.24
C TYR B 19 20.26 22.81 32.21
N GLY B 20 20.72 23.92 31.66
CA GLY B 20 20.95 25.13 32.46
C GLY B 20 20.48 26.31 31.69
N ASP B 21 20.17 27.38 32.39
CA ASP B 21 19.58 28.57 31.77
C ASP B 21 20.65 29.62 31.57
N ALA B 22 20.54 30.35 30.45
CA ALA B 22 21.28 31.58 30.29
C ALA B 22 20.38 32.59 29.53
N GLU B 23 20.80 33.85 29.46
CA GLU B 23 20.03 34.89 28.79
C GLU B 23 20.81 35.47 27.64
N VAL B 24 20.09 35.99 26.65
CA VAL B 24 20.71 36.72 25.55
C VAL B 24 19.97 38.05 25.44
N GLY B 25 20.69 39.15 25.20
CA GLY B 25 20.08 40.48 25.07
C GLY B 25 20.17 41.30 26.33
N ASP B 26 20.36 42.61 26.21
CA ASP B 26 20.40 43.43 27.42
C ASP B 26 19.08 43.46 28.20
N ASN B 27 17.97 43.00 27.62
CA ASN B 27 16.72 42.79 28.39
C ASN B 27 16.64 41.38 29.03
N GLN B 28 17.75 40.67 29.00
CA GLN B 28 17.86 39.35 29.64
C GLN B 28 16.74 38.38 29.25
N GLN B 29 16.55 38.19 27.95
CA GLN B 29 15.63 37.18 27.46
C GLN B 29 16.19 35.81 27.88
N PRO B 30 15.38 35.01 28.59
CA PRO B 30 15.80 33.70 29.09
C PRO B 30 15.59 32.53 28.13
N PHE B 31 16.51 31.58 28.24
CA PHE B 31 16.55 30.39 27.40
C PHE B 31 17.07 29.22 28.23
N THR B 32 16.63 28.05 27.86
CA THR B 32 17.12 26.77 28.38
C THR B 32 18.10 26.13 27.39
N PHE B 33 19.25 25.73 27.91
CA PHE B 33 20.35 25.23 27.11
C PHE B 33 20.82 23.81 27.48
N ILE B 34 21.18 23.04 26.46
CA ILE B 34 22.13 21.97 26.63
C ILE B 34 23.46 22.69 26.72
N LEU B 35 24.12 22.51 27.86
CA LEU B 35 25.46 22.97 28.13
C LEU B 35 26.45 21.89 27.66
N ASP B 36 27.17 22.15 26.57
CA ASP B 36 27.83 21.11 25.78
C ASP B 36 29.32 21.30 25.61
N THR B 37 30.15 20.63 26.42
CA THR B 37 31.58 20.69 26.21
C THR B 37 32.06 20.04 24.92
N GLY B 38 31.14 19.47 24.15
CA GLY B 38 31.42 18.75 22.93
C GLY B 38 31.24 19.63 21.71
N SER B 39 30.75 20.85 21.90
CA SER B 39 30.66 21.82 20.83
C SER B 39 31.21 23.19 21.25
N ALA B 40 31.23 24.15 20.31
CA ALA B 40 31.94 25.45 20.55
C ALA B 40 31.19 26.68 20.01
N ASN B 41 29.90 26.49 19.75
CA ASN B 41 29.00 27.56 19.38
C ASN B 41 27.77 27.65 20.31
N LEU B 42 27.26 28.87 20.41
CA LEU B 42 25.98 29.18 21.07
C LEU B 42 24.92 29.44 20.02
N TRP B 43 23.75 28.83 20.20
CA TRP B 43 22.60 29.14 19.39
C TRP B 43 21.30 29.16 20.17
N VAL B 44 20.41 30.05 19.75
CA VAL B 44 19.04 30.11 20.24
C VAL B 44 18.06 30.17 19.04
N PRO B 45 16.87 29.63 19.20
CA PRO B 45 15.87 29.70 18.13
C PRO B 45 15.34 31.16 18.03
N SER B 46 15.11 31.65 16.81
CA SER B 46 14.79 33.05 16.59
C SER B 46 13.31 33.17 16.40
N VAL B 47 12.80 34.38 16.66
CA VAL B 47 11.45 34.73 16.24
C VAL B 47 11.31 34.55 14.73
N LYS B 48 12.43 34.61 14.01
CA LYS B 48 12.44 34.48 12.54
C LYS B 48 12.32 33.01 12.07
N CYS B 49 12.43 32.08 13.01
CA CYS B 49 12.27 30.64 12.74
C CYS B 49 10.91 30.35 12.14
N THR B 50 10.93 29.61 11.04
CA THR B 50 9.72 29.30 10.26
C THR B 50 9.29 27.86 10.50
N THR B 51 10.14 27.03 11.08
CA THR B 51 9.74 25.61 11.29
C THR B 51 8.96 25.32 12.58
N ALA B 52 8.29 24.18 12.57
CA ALA B 52 7.28 23.87 13.58
C ALA B 52 7.89 23.69 14.97
N GLY B 53 9.09 23.13 15.04
CA GLY B 53 9.71 22.92 16.34
C GLY B 53 9.84 24.16 17.21
N CYS B 54 10.03 25.32 16.57
CA CYS B 54 10.32 26.54 17.27
C CYS B 54 9.12 27.08 18.02
N LEU B 55 7.90 26.66 17.66
CA LEU B 55 6.66 27.30 18.11
C LEU B 55 6.53 27.34 19.63
N THR B 56 6.93 26.29 20.33
CA THR B 56 6.81 26.30 21.80
C THR B 56 8.08 26.70 22.58
N LYS B 57 9.04 27.29 21.88
CA LYS B 57 10.34 27.60 22.47
C LYS B 57 10.39 29.08 22.81
N HIS B 58 11.30 29.45 23.68
CA HIS B 58 11.63 30.86 23.84
C HIS B 58 12.38 31.32 22.59
N LEU B 59 11.89 32.38 21.95
CA LEU B 59 12.45 32.86 20.69
C LEU B 59 13.16 34.17 20.89
N TYR B 60 14.44 34.19 20.55
CA TYR B 60 15.22 35.42 20.65
C TYR B 60 14.71 36.52 19.71
N ASP B 61 14.46 37.71 20.25
CA ASP B 61 13.94 38.85 19.46
C ASP B 61 14.92 39.99 19.59
N SER B 62 15.69 40.19 18.50
CA SER B 62 16.80 41.13 18.50
C SER B 62 16.34 42.59 18.60
N SER B 63 15.14 42.87 18.09
CA SER B 63 14.54 44.20 18.20
C SER B 63 14.27 44.66 19.65
N LYS B 64 14.43 43.78 20.62
CA LYS B 64 14.21 44.13 22.01
C LYS B 64 15.52 44.42 22.77
N SER B 65 16.68 44.14 22.16
CA SER B 65 17.94 44.39 22.80
C SER B 65 18.66 45.62 22.20
N ARG B 66 19.00 46.58 23.05
CA ARG B 66 19.79 47.74 22.61
C ARG B 66 21.25 47.39 22.34
N THR B 67 21.74 46.27 22.85
CA THR B 67 23.10 45.85 22.63
C THR B 67 23.26 44.94 21.44
N TYR B 68 22.19 44.69 20.70
CA TYR B 68 22.24 43.80 19.55
C TYR B 68 23.02 44.46 18.47
N GLU B 69 23.74 43.64 17.74
CA GLU B 69 24.63 44.13 16.71
C GLU B 69 24.62 43.16 15.58
N LYS B 70 24.15 43.66 14.44
CA LYS B 70 23.84 42.84 13.27
C LYS B 70 25.06 42.14 12.70
N ASP B 71 24.84 41.04 11.99
CA ASP B 71 25.92 40.37 11.26
C ASP B 71 25.32 39.75 10.01
N GLY B 72 24.45 38.75 10.20
CA GLY B 72 23.71 38.14 9.10
C GLY B 72 24.37 36.98 8.36
N THR B 73 25.63 36.67 8.66
CA THR B 73 26.36 35.61 7.96
C THR B 73 25.64 34.29 8.15
N LYS B 74 25.33 33.60 7.06
CA LYS B 74 24.58 32.34 7.11
C LYS B 74 25.44 31.20 7.60
N VAL B 75 24.86 30.38 8.45
CA VAL B 75 25.60 29.30 9.11
C VAL B 75 24.78 28.03 9.32
N GLU B 76 25.39 26.89 9.03
CA GLU B 76 24.85 25.59 9.40
C GLU B 76 25.64 24.98 10.54
N MET B 77 24.93 24.57 11.60
CA MET B 77 25.53 23.97 12.79
C MET B 77 25.29 22.47 12.82
N ASN B 78 26.34 21.68 12.65
CA ASN B 78 26.16 20.23 12.51
C ASN B 78 26.63 19.50 13.75
N TYR B 79 25.77 18.64 14.26
CA TYR B 79 26.14 17.81 15.38
C TYR B 79 26.14 16.37 14.92
N VAL B 80 26.64 15.47 15.74
CA VAL B 80 26.62 14.06 15.36
C VAL B 80 25.17 13.61 15.08
N SER B 81 24.21 14.11 15.84
CA SER B 81 22.87 13.60 15.70
C SER B 81 21.83 14.64 15.28
N GLY B 82 22.21 15.51 14.36
CA GLY B 82 21.30 16.53 13.88
C GLY B 82 21.98 17.83 13.48
N THR B 83 21.18 18.69 12.86
CA THR B 83 21.63 19.94 12.29
C THR B 83 20.56 20.97 12.54
N VAL B 84 20.99 22.23 12.65
CA VAL B 84 20.13 23.38 12.68
C VAL B 84 20.86 24.47 11.92
N SER B 85 20.12 25.40 11.32
CA SER B 85 20.73 26.44 10.55
C SER B 85 20.13 27.83 10.83
N GLY B 86 20.84 28.88 10.46
CA GLY B 86 20.33 30.23 10.57
C GLY B 86 21.39 31.25 10.22
N PHE B 87 21.50 32.30 11.01
CA PHE B 87 22.51 33.31 10.77
C PHE B 87 23.15 33.80 12.05
N PHE B 88 24.36 34.35 11.91
CA PHE B 88 25.09 34.95 13.01
C PHE B 88 24.53 36.28 13.43
N SER B 89 24.75 36.60 14.71
CA SER B 89 24.35 37.82 15.37
C SER B 89 25.29 38.00 16.55
N LYS B 90 25.32 39.19 17.11
CA LYS B 90 26.08 39.49 18.32
C LYS B 90 25.21 40.25 19.34
N ASP B 91 25.29 39.87 20.61
CA ASP B 91 24.49 40.51 21.64
C ASP B 91 25.06 40.15 23.01
N LEU B 92 24.63 40.84 24.05
CA LEU B 92 24.99 40.44 25.41
C LEU B 92 24.48 39.01 25.73
N VAL B 93 25.42 38.14 26.13
CA VAL B 93 25.08 36.85 26.63
C VAL B 93 25.41 36.88 28.11
N THR B 94 24.47 36.40 28.93
CA THR B 94 24.68 36.33 30.39
C THR B 94 24.56 34.88 30.92
N VAL B 95 25.56 34.45 31.68
CA VAL B 95 25.67 33.10 32.19
C VAL B 95 25.93 33.24 33.69
N GLY B 96 25.01 32.78 34.55
CA GLY B 96 25.05 33.11 35.97
C GLY B 96 24.97 34.64 36.18
N ASN B 97 26.00 35.27 36.75
CA ASN B 97 26.01 36.73 36.92
C ASN B 97 27.11 37.45 36.12
N LEU B 98 27.62 36.81 35.09
CA LEU B 98 28.68 37.41 34.26
C LEU B 98 28.12 37.54 32.88
N SER B 99 28.29 38.70 32.27
CA SER B 99 27.85 38.91 30.90
C SER B 99 28.97 39.41 29.98
N LEU B 100 28.75 39.26 28.68
CA LEU B 100 29.68 39.76 27.68
C LEU B 100 29.08 39.84 26.27
N PRO B 101 29.50 40.84 25.49
CA PRO B 101 29.09 40.87 24.10
C PRO B 101 29.64 39.56 23.49
N TYR B 102 28.83 38.86 22.72
CA TYR B 102 29.25 37.52 22.29
C TYR B 102 28.60 37.13 21.02
N LYS B 103 29.36 36.49 20.15
CA LYS B 103 28.84 36.13 18.87
C LYS B 103 28.17 34.76 18.96
N PHE B 104 26.95 34.67 18.42
CA PHE B 104 26.12 33.48 18.53
C PHE B 104 25.23 33.34 17.31
N ILE B 105 24.44 32.29 17.25
CA ILE B 105 23.65 31.99 16.07
C ILE B 105 22.16 32.07 16.38
N GLU B 106 21.45 32.71 15.45
CA GLU B 106 20.00 32.77 15.49
C GLU B 106 19.53 31.71 14.56
N VAL B 107 18.89 30.68 15.10
CA VAL B 107 18.46 29.53 14.29
C VAL B 107 17.04 29.78 13.76
N ILE B 108 16.88 29.62 12.44
CA ILE B 108 15.57 29.75 11.79
C ILE B 108 15.01 28.40 11.24
N ASP B 109 15.82 27.33 11.23
CA ASP B 109 15.40 26.01 10.70
C ASP B 109 15.83 24.88 11.64
N THR B 110 14.87 24.14 12.19
CA THR B 110 15.17 23.08 13.14
C THR B 110 14.69 21.73 12.65
N ASN B 111 14.42 21.60 11.35
CA ASN B 111 13.97 20.32 10.81
C ASN B 111 14.92 19.21 11.14
N GLY B 112 16.22 19.46 10.96
CA GLY B 112 17.28 18.47 11.20
C GLY B 112 17.52 18.06 12.66
N PHE B 113 16.69 18.54 13.57
CA PHE B 113 16.80 18.24 14.98
C PHE B 113 15.56 17.53 15.48
N GLU B 114 14.64 17.20 14.57
CA GLU B 114 13.37 16.59 14.96
C GLU B 114 13.48 15.06 14.83
N PRO B 115 12.67 14.28 15.57
CA PRO B 115 11.67 14.76 16.52
C PRO B 115 12.18 15.14 17.92
N THR B 116 13.45 14.94 18.24
CA THR B 116 13.95 15.22 19.60
C THR B 116 13.66 16.65 20.11
N TYR B 117 13.82 17.64 19.23
CA TYR B 117 13.70 19.04 19.59
C TYR B 117 12.35 19.42 20.12
N THR B 118 11.31 18.97 19.43
CA THR B 118 9.93 19.25 19.85
C THR B 118 9.57 18.45 21.12
N ALA B 119 10.11 17.25 21.24
CA ALA B 119 9.88 16.40 22.42
C ALA B 119 10.56 16.90 23.69
N SER B 120 11.60 17.75 23.56
CA SER B 120 12.47 18.13 24.67
C SER B 120 12.19 19.56 25.14
N THR B 121 12.72 19.93 26.29
CA THR B 121 12.40 21.23 26.89
C THR B 121 13.41 22.37 26.57
N PHE B 122 14.59 22.03 26.08
CA PHE B 122 15.62 23.04 25.74
C PHE B 122 15.31 23.85 24.48
N ASP B 123 15.81 25.09 24.48
CA ASP B 123 15.65 26.00 23.37
C ASP B 123 16.83 25.95 22.41
N GLY B 124 18.04 25.97 22.95
CA GLY B 124 19.26 25.90 22.15
C GLY B 124 20.45 25.22 22.81
N ILE B 125 21.61 25.45 22.22
CA ILE B 125 22.85 24.86 22.73
C ILE B 125 23.88 25.91 22.97
N LEU B 126 24.56 25.77 24.10
CA LEU B 126 25.62 26.68 24.50
C LEU B 126 26.88 25.84 24.56
N GLY B 127 27.75 26.00 23.57
CA GLY B 127 28.98 25.28 23.55
C GLY B 127 30.04 25.77 24.53
N LEU B 128 30.95 24.87 24.88
CA LEU B 128 31.94 25.11 25.94
C LEU B 128 33.28 24.48 25.59
N GLY B 129 33.45 24.19 24.28
CA GLY B 129 34.66 23.54 23.78
C GLY B 129 35.71 24.60 23.49
N TRP B 130 36.66 24.29 22.60
CA TRP B 130 37.78 25.15 22.23
C TRP B 130 37.52 25.83 20.90
N LYS B 131 38.24 26.92 20.63
CA LYS B 131 37.96 27.78 19.48
C LYS B 131 37.98 27.06 18.11
N ASP B 132 38.93 26.14 17.91
CA ASP B 132 39.03 25.41 16.63
C ASP B 132 37.89 24.48 16.36
N LEU B 133 37.08 24.21 17.38
CA LEU B 133 35.91 23.36 17.18
C LEU B 133 34.71 24.20 16.72
N SER B 134 34.79 25.50 16.93
CA SER B 134 33.70 26.39 16.58
C SER B 134 33.62 26.65 15.09
N ILE B 135 32.42 26.84 14.58
CA ILE B 135 32.22 27.39 13.25
C ILE B 135 32.19 28.91 13.39
N GLY B 136 33.05 29.58 12.62
CA GLY B 136 33.08 31.03 12.64
C GLY B 136 34.14 31.59 13.52
N SER B 137 35.08 30.76 13.92
CA SER B 137 36.21 31.22 14.70
C SER B 137 35.89 32.01 15.98
N VAL B 138 34.96 31.49 16.78
CA VAL B 138 34.52 32.16 18.01
C VAL B 138 35.35 31.71 19.17
N ASP B 139 35.95 32.66 19.89
CA ASP B 139 36.64 32.34 21.13
C ASP B 139 35.62 31.87 22.16
N PRO B 140 35.98 30.85 22.92
CA PRO B 140 35.05 30.31 23.93
C PRO B 140 34.61 31.34 24.95
N ILE B 141 33.38 31.24 25.46
CA ILE B 141 32.83 32.12 26.49
C ILE B 141 33.82 32.38 27.63
N VAL B 142 34.27 31.29 28.22
CA VAL B 142 35.14 31.36 29.41
C VAL B 142 36.55 31.97 29.12
N VAL B 143 37.09 31.77 27.92
CA VAL B 143 38.36 32.37 27.53
C VAL B 143 38.22 33.89 27.36
N GLU B 144 37.12 34.30 26.73
CA GLU B 144 36.83 35.71 26.51
C GLU B 144 36.57 36.40 27.83
N LEU B 145 35.80 35.76 28.71
CA LEU B 145 35.56 36.33 30.03
C LEU B 145 36.93 36.66 30.68
N LYS B 146 37.83 35.71 30.60
CA LYS B 146 39.19 35.86 31.12
C LYS B 146 39.94 37.05 30.45
N ASN B 147 39.80 37.19 29.14
CA ASN B 147 40.43 38.26 28.37
C ASN B 147 39.80 39.62 28.66
N GLN B 148 38.48 39.65 28.93
CA GLN B 148 37.80 40.89 29.32
C GLN B 148 38.01 41.21 30.80
N ASN B 149 38.85 40.43 31.50
CA ASN B 149 39.08 40.55 32.94
C ASN B 149 37.83 40.35 33.84
N LYS B 150 36.85 39.60 33.37
CA LYS B 150 35.62 39.37 34.13
C LYS B 150 35.72 38.15 35.04
N ILE B 151 36.71 37.29 34.73
CA ILE B 151 37.13 36.21 35.63
C ILE B 151 38.63 36.22 35.69
N GLU B 152 39.16 35.67 36.78
CA GLU B 152 40.60 35.49 36.94
C GLU B 152 41.15 34.20 36.32
N ASN B 153 40.43 33.09 36.45
CA ASN B 153 40.88 31.78 35.90
C ASN B 153 39.93 31.29 34.77
N ALA B 154 40.52 31.02 33.61
CA ALA B 154 39.83 30.48 32.44
C ALA B 154 39.58 28.97 32.60
N LEU B 155 38.64 28.63 33.48
CA LEU B 155 38.23 27.26 33.69
C LEU B 155 36.80 27.22 34.16
N PHE B 156 36.17 26.06 33.99
CA PHE B 156 34.82 25.77 34.48
C PHE B 156 34.69 24.34 34.96
N THR B 157 33.69 24.06 35.79
CA THR B 157 33.48 22.71 36.32
C THR B 157 32.08 22.27 36.16
N PHE B 158 31.90 20.96 36.03
CA PHE B 158 30.57 20.35 36.04
C PHE B 158 30.38 19.39 37.22
N TYR B 159 29.41 19.72 38.08
CA TYR B 159 28.82 18.82 39.06
C TYR B 159 27.37 18.49 38.62
N LEU B 160 27.10 17.28 38.12
CA LEU B 160 25.81 17.01 37.50
C LEU B 160 24.76 16.73 38.54
N PRO B 161 23.51 17.04 38.19
CA PRO B 161 22.38 16.70 39.03
C PRO B 161 22.08 15.21 38.91
N VAL B 162 21.60 14.62 40.01
CA VAL B 162 21.08 13.25 39.99
C VAL B 162 19.56 13.22 40.15
N HIS B 163 18.89 12.37 39.37
CA HIS B 163 17.42 12.36 39.33
C HIS B 163 16.87 11.99 40.70
N ASP B 164 16.04 12.88 41.26
CA ASP B 164 15.32 12.74 42.55
C ASP B 164 16.22 12.81 43.78
N LYS B 165 17.52 13.05 43.61
CA LYS B 165 18.46 13.15 44.72
C LYS B 165 18.96 14.59 44.92
N HIS B 166 19.52 15.21 43.86
CA HIS B 166 20.01 16.62 43.96
C HIS B 166 20.19 17.35 42.60
N THR B 167 20.22 18.67 42.68
CA THR B 167 20.51 19.52 41.52
C THR B 167 22.01 19.57 41.33
N GLY B 168 22.43 20.27 40.30
CA GLY B 168 23.81 20.31 39.88
C GLY B 168 24.27 21.72 39.63
N PHE B 169 25.54 21.88 39.24
CA PHE B 169 26.12 23.19 39.03
C PHE B 169 27.16 23.22 37.92
N LEU B 170 27.00 24.19 37.03
CA LEU B 170 28.09 24.64 36.20
C LEU B 170 28.74 25.83 36.90
N THR B 171 30.01 25.69 37.21
CA THR B 171 30.77 26.72 37.89
C THR B 171 31.84 27.26 37.00
N ILE B 172 31.86 28.58 36.85
CA ILE B 172 32.90 29.24 36.07
C ILE B 172 33.79 30.05 37.03
N GLY B 173 35.07 29.77 36.96
CA GLY B 173 36.09 30.66 37.48
C GLY B 173 36.99 30.10 38.57
N GLY B 174 36.61 28.95 39.14
CA GLY B 174 37.42 28.28 40.14
C GLY B 174 36.82 26.91 40.51
N ILE B 175 37.60 26.12 41.25
CA ILE B 175 37.22 24.79 41.73
C ILE B 175 36.71 24.79 43.18
N GLU B 176 35.55 24.21 43.42
CA GLU B 176 34.98 24.10 44.77
C GLU B 176 34.99 22.64 45.27
N GLU B 177 35.72 22.42 46.36
CA GLU B 177 35.81 21.11 46.99
C GLU B 177 34.47 20.50 47.42
N ARG B 178 33.41 21.30 47.60
CA ARG B 178 32.15 20.70 48.04
C ARG B 178 31.55 19.73 47.00
N PHE B 179 32.04 19.79 45.75
CA PHE B 179 31.43 19.02 44.66
C PHE B 179 32.03 17.61 44.53
N TYR B 180 33.20 17.41 45.13
CA TYR B 180 33.90 16.13 45.00
C TYR B 180 34.56 15.57 46.27
N GLU B 181 34.81 14.25 46.24
CA GLU B 181 35.62 13.59 47.27
C GLU B 181 36.72 12.76 46.59
N GLY B 182 37.78 12.51 47.36
CA GLY B 182 38.93 11.76 46.90
C GLY B 182 39.80 12.69 46.11
N PRO B 183 40.93 12.24 45.57
CA PRO B 183 41.81 13.16 44.82
C PRO B 183 41.22 13.62 43.47
N LEU B 184 41.71 14.80 43.06
CA LEU B 184 41.48 15.38 41.75
C LEU B 184 42.72 15.17 40.91
N THR B 185 42.53 14.51 39.78
CA THR B 185 43.60 14.09 38.91
C THR B 185 43.44 14.78 37.59
N TYR B 186 44.54 15.31 37.10
CA TYR B 186 44.55 16.09 35.88
C TYR B 186 45.12 15.27 34.74
N GLU B 187 44.47 15.36 33.59
CA GLU B 187 44.87 14.67 32.38
C GLU B 187 44.98 15.69 31.31
N LYS B 188 46.17 15.86 30.73
CA LYS B 188 46.41 16.88 29.70
C LYS B 188 45.63 16.59 28.42
N LEU B 189 45.16 17.64 27.78
CA LEU B 189 44.54 17.52 26.47
C LEU B 189 45.51 16.96 25.40
N ASN B 190 45.01 16.01 24.61
CA ASN B 190 45.74 15.54 23.45
C ASN B 190 45.54 16.39 22.18
N HIS B 191 44.56 17.31 22.25
CA HIS B 191 44.09 18.18 21.14
C HIS B 191 43.29 19.31 21.79
N ASP B 192 43.64 20.56 21.49
CA ASP B 192 42.79 21.69 21.94
C ASP B 192 41.59 21.83 21.02
N LEU B 193 40.65 20.87 21.06
CA LEU B 193 39.52 20.87 20.11
C LEU B 193 38.26 20.57 20.91
N TYR B 194 38.01 19.30 21.19
CA TYR B 194 37.05 18.89 22.18
C TYR B 194 37.88 18.92 23.46
N TRP B 195 37.27 18.60 24.59
CA TRP B 195 38.04 18.32 25.81
C TRP B 195 38.34 16.83 25.76
N GLN B 196 39.39 16.49 25.02
CA GLN B 196 39.71 15.11 24.73
C GLN B 196 41.05 14.71 25.29
N ILE B 197 41.10 13.55 25.93
CA ILE B 197 42.30 13.12 26.64
C ILE B 197 42.61 11.71 26.20
N THR B 198 43.83 11.28 26.48
CA THR B 198 44.32 9.96 26.11
C THR B 198 44.31 9.03 27.30
N LEU B 199 43.58 7.92 27.18
CA LEU B 199 43.48 6.95 28.28
C LEU B 199 43.48 5.54 27.75
N ASP B 200 43.98 4.62 28.56
CA ASP B 200 43.85 3.19 28.25
C ASP B 200 42.47 2.68 28.64
N ALA B 201 41.77 2.08 27.68
CA ALA B 201 40.41 1.55 27.92
C ALA B 201 40.38 0.02 28.05
N HIS B 202 39.73 -0.47 29.10
CA HIS B 202 39.52 -1.91 29.31
C HIS B 202 38.07 -2.14 29.73
N VAL B 203 37.42 -3.15 29.14
CA VAL B 203 36.09 -3.58 29.60
C VAL B 203 36.00 -5.06 29.99
N GLY B 204 37.03 -5.82 29.78
CA GLY B 204 37.05 -7.14 30.39
C GLY B 204 38.34 -7.70 29.88
N ASN B 205 38.25 -8.59 28.90
CA ASN B 205 39.41 -9.00 28.13
C ASN B 205 39.54 -8.14 26.87
N ILE B 206 38.74 -7.09 26.75
CA ILE B 206 38.82 -6.15 25.63
C ILE B 206 39.55 -4.93 26.11
N MET B 207 40.48 -4.44 25.29
CA MET B 207 41.30 -3.28 25.60
C MET B 207 41.54 -2.38 24.41
N LEU B 208 41.77 -1.11 24.70
CA LEU B 208 42.17 -0.10 23.72
C LEU B 208 43.19 0.85 24.33
N GLU B 209 44.46 0.55 24.15
CA GLU B 209 45.52 1.46 24.58
C GLU B 209 45.54 2.84 23.85
N LYS B 210 45.84 3.90 24.61
CA LYS B 210 45.95 5.28 24.06
C LYS B 210 44.69 5.64 23.28
N ALA B 211 43.55 5.35 23.89
CA ALA B 211 42.28 5.70 23.24
C ALA B 211 42.02 7.20 23.39
N ASN B 212 41.43 7.78 22.38
CA ASN B 212 40.99 9.16 22.39
C ASN B 212 39.67 9.19 23.15
N CYS B 213 39.56 10.02 24.17
CA CYS B 213 38.41 10.08 25.07
C CYS B 213 37.91 11.51 25.20
N ILE B 214 36.76 11.79 24.61
CA ILE B 214 36.09 13.06 24.65
C ILE B 214 35.14 13.10 25.84
N VAL B 215 35.35 14.10 26.70
CA VAL B 215 34.49 14.35 27.83
C VAL B 215 33.43 15.32 27.37
N ASP B 216 32.20 14.80 27.23
CA ASP B 216 31.12 15.52 26.56
C ASP B 216 29.85 15.60 27.42
N SER B 217 29.65 16.77 28.00
CA SER B 217 28.51 17.05 28.85
C SER B 217 27.22 17.13 28.04
N GLY B 218 27.36 17.32 26.73
CA GLY B 218 26.22 17.44 25.83
C GLY B 218 25.78 16.17 25.13
N THR B 219 26.25 15.03 25.64
CA THR B 219 25.96 13.72 25.11
C THR B 219 25.35 12.86 26.21
N SER B 220 24.21 12.25 25.95
CA SER B 220 23.52 11.52 27.02
C SER B 220 23.90 10.03 27.13
N ALA B 221 24.91 9.63 26.37
CA ALA B 221 25.43 8.27 26.45
C ALA B 221 26.95 8.19 26.58
N ILE B 222 27.44 6.96 26.76
CA ILE B 222 28.81 6.60 26.41
C ILE B 222 28.83 6.10 24.94
N THR B 223 29.72 6.64 24.11
CA THR B 223 29.90 6.07 22.77
C THR B 223 31.21 5.31 22.76
N VAL B 224 31.23 4.19 22.05
CA VAL B 224 32.42 3.39 21.93
C VAL B 224 32.61 3.05 20.44
N PRO B 225 33.84 2.79 19.97
CA PRO B 225 34.01 2.24 18.62
C PRO B 225 33.22 0.93 18.42
N THR B 226 32.65 0.76 17.24
CA THR B 226 31.69 -0.31 17.00
C THR B 226 32.28 -1.69 17.23
N ASP B 227 33.49 -1.92 16.76
CA ASP B 227 34.20 -3.23 16.93
C ASP B 227 34.32 -3.56 18.42
N PHE B 228 34.67 -2.56 19.23
CA PHE B 228 34.78 -2.68 20.68
C PHE B 228 33.42 -3.00 21.35
N LEU B 229 32.38 -2.26 20.99
CA LEU B 229 31.07 -2.57 21.51
C LEU B 229 30.70 -4.02 21.15
N ASN B 230 30.84 -4.37 19.90
CA ASN B 230 30.45 -5.70 19.46
C ASN B 230 31.13 -6.80 20.26
N LYS B 231 32.42 -6.62 20.53
CA LYS B 231 33.18 -7.52 21.39
C LYS B 231 32.64 -7.54 22.82
N MET B 232 32.25 -6.39 23.33
CA MET B 232 31.67 -6.36 24.69
C MET B 232 30.38 -7.13 24.77
N LEU B 233 29.56 -7.05 23.73
CA LEU B 233 28.27 -7.72 23.72
C LEU B 233 28.36 -9.25 23.62
N GLN B 234 29.49 -9.78 23.17
CA GLN B 234 29.59 -11.21 22.97
C GLN B 234 29.28 -11.94 24.27
N ASN B 235 28.40 -12.95 24.18
CA ASN B 235 28.21 -13.91 25.28
C ASN B 235 27.65 -13.20 26.49
N LEU B 236 26.79 -12.24 26.20
CA LEU B 236 26.19 -11.38 27.21
C LEU B 236 24.69 -11.52 27.03
N ASP B 237 23.95 -11.43 28.12
CA ASP B 237 22.51 -11.60 28.04
C ASP B 237 21.90 -10.24 27.70
N VAL B 238 22.16 -9.78 26.49
CA VAL B 238 21.74 -8.45 26.05
C VAL B 238 20.81 -8.61 24.84
N ILE B 239 19.60 -8.10 24.96
CA ILE B 239 18.64 -8.24 23.89
C ILE B 239 18.98 -7.25 22.79
N LYS B 240 19.25 -7.83 21.63
CA LYS B 240 19.90 -7.15 20.52
C LYS B 240 18.83 -6.55 19.62
N VAL B 241 18.02 -5.67 20.20
CA VAL B 241 16.95 -4.97 19.49
C VAL B 241 17.50 -4.12 18.35
N PHE B 246 18.79 0.11 19.37
CA PHE B 246 19.78 -0.17 20.43
C PHE B 246 19.34 -1.24 21.48
N TYR B 247 20.04 -1.36 22.60
CA TYR B 247 20.15 -2.62 23.35
C TYR B 247 19.47 -2.71 24.71
N VAL B 248 18.75 -3.81 24.94
CA VAL B 248 17.98 -4.01 26.16
C VAL B 248 18.60 -5.14 26.99
N THR B 249 18.64 -4.97 28.30
CA THR B 249 19.18 -5.96 29.24
C THR B 249 18.40 -5.96 30.57
N LEU B 250 18.57 -7.01 31.36
CA LEU B 250 18.09 -6.98 32.75
C LEU B 250 18.96 -5.97 33.49
N CYS B 251 18.40 -5.16 34.39
CA CYS B 251 19.17 -4.15 35.08
C CYS B 251 20.18 -4.79 36.03
N ASN B 252 19.92 -6.05 36.41
CA ASN B 252 20.78 -6.81 37.34
C ASN B 252 21.61 -7.85 36.65
N ASN B 253 21.60 -7.84 35.33
CA ASN B 253 22.39 -8.76 34.55
C ASN B 253 23.79 -8.75 35.14
N SER B 254 24.22 -9.90 35.65
CA SER B 254 25.46 -9.98 36.42
C SER B 254 26.72 -10.05 35.54
N LYS B 255 26.52 -10.12 34.23
CA LYS B 255 27.64 -10.23 33.27
C LYS B 255 28.04 -8.86 32.76
N LEU B 256 27.29 -7.82 33.13
CA LEU B 256 27.53 -6.47 32.59
C LEU B 256 28.87 -5.99 33.12
N PRO B 257 29.80 -5.69 32.22
CA PRO B 257 31.16 -5.33 32.62
C PRO B 257 31.30 -3.90 33.10
N THR B 258 32.41 -3.67 33.77
CA THR B 258 32.78 -2.36 34.26
C THR B 258 33.84 -1.77 33.34
N PHE B 259 33.59 -0.57 32.80
CA PHE B 259 34.62 0.18 32.07
C PHE B 259 35.79 0.56 32.96
N GLU B 260 36.99 0.53 32.40
CA GLU B 260 38.19 1.01 33.09
C GLU B 260 39.02 1.87 32.15
N PHE B 261 39.29 3.08 32.61
CA PHE B 261 40.11 4.01 31.88
C PHE B 261 41.30 4.31 32.77
N THR B 262 42.53 4.11 32.26
CA THR B 262 43.72 4.38 33.04
C THR B 262 44.68 5.36 32.40
N SER B 263 45.43 6.02 33.25
CA SER B 263 46.42 6.99 32.80
C SER B 263 47.62 6.82 33.70
N GLU B 264 48.71 7.49 33.34
CA GLU B 264 49.90 7.56 34.17
C GLU B 264 49.50 7.70 35.64
N ASN B 265 48.78 8.76 35.98
CA ASN B 265 48.49 9.06 37.38
C ASN B 265 47.01 9.07 37.74
N GLY B 266 46.17 8.42 36.94
CA GLY B 266 44.74 8.35 37.22
C GLY B 266 44.06 7.04 36.86
N LYS B 267 43.00 6.71 37.58
CA LYS B 267 42.26 5.46 37.31
C LYS B 267 40.76 5.67 37.47
N TYR B 268 39.99 5.50 36.41
CA TYR B 268 38.58 5.86 36.47
C TYR B 268 37.73 4.68 36.00
N THR B 269 36.74 4.30 36.80
CA THR B 269 35.86 3.21 36.42
C THR B 269 34.43 3.68 36.22
N LEU B 270 33.71 2.94 35.38
CA LEU B 270 32.29 3.14 35.17
C LEU B 270 31.53 1.81 35.18
N GLU B 271 30.72 1.63 36.22
CA GLU B 271 30.01 0.39 36.55
C GLU B 271 28.62 0.44 35.90
N PRO B 272 27.92 -0.70 35.74
CA PRO B 272 26.59 -0.71 35.08
C PRO B 272 25.54 0.22 35.67
N GLU B 273 25.57 0.48 36.98
CA GLU B 273 24.55 1.33 37.57
C GLU B 273 24.61 2.75 36.99
N TYR B 274 25.77 3.15 36.47
CA TYR B 274 25.90 4.48 35.89
C TYR B 274 25.49 4.54 34.41
N TYR B 275 25.88 3.54 33.63
CA TYR B 275 25.61 3.54 32.18
C TYR B 275 24.36 2.77 31.71
N LEU B 276 23.47 2.42 32.64
CA LEU B 276 22.15 1.93 32.30
C LEU B 276 21.14 3.06 32.49
N GLN B 277 20.08 3.02 31.69
CA GLN B 277 18.94 3.91 31.81
C GLN B 277 17.77 3.00 32.06
N HIS B 278 17.15 3.15 33.21
CA HIS B 278 16.02 2.30 33.61
C HIS B 278 14.81 2.56 32.73
N ILE B 279 14.17 1.46 32.34
CA ILE B 279 12.96 1.48 31.52
C ILE B 279 12.07 0.31 31.96
N GLU B 280 12.13 -0.01 33.27
CA GLU B 280 11.51 -1.24 33.83
C GLU B 280 10.01 -1.32 33.60
N ASP B 281 9.38 -0.14 33.43
CA ASP B 281 7.95 0.00 33.12
C ASP B 281 7.44 -1.11 32.20
N VAL B 282 8.15 -1.34 31.08
CA VAL B 282 7.78 -2.36 30.11
C VAL B 282 8.85 -3.45 30.11
N GLY B 283 8.57 -4.53 30.85
CA GLY B 283 9.48 -5.66 31.03
C GLY B 283 10.09 -5.67 32.43
N PRO B 284 9.93 -6.77 33.18
CA PRO B 284 10.46 -6.81 34.56
C PRO B 284 12.00 -6.72 34.70
N GLY B 285 12.46 -5.79 35.54
CA GLY B 285 13.88 -5.46 35.70
C GLY B 285 14.59 -5.09 34.40
N LEU B 286 14.19 -3.99 33.76
CA LEU B 286 14.59 -3.75 32.37
C LEU B 286 15.36 -2.45 32.19
N CYS B 287 16.57 -2.58 31.67
CA CYS B 287 17.40 -1.44 31.33
C CYS B 287 17.75 -1.35 29.86
N MET B 288 18.13 -0.17 29.49
CA MET B 288 18.74 0.10 28.23
C MET B 288 20.23 0.21 28.49
N LEU B 289 21.01 -0.46 27.66
CA LEU B 289 22.41 -0.13 27.51
C LEU B 289 22.48 1.28 26.94
N ASN B 290 23.01 2.18 27.72
CA ASN B 290 23.16 3.55 27.28
C ASN B 290 24.57 3.72 26.68
N ILE B 291 24.96 2.78 25.82
CA ILE B 291 26.26 2.75 25.14
C ILE B 291 25.93 2.67 23.65
N ILE B 292 26.48 3.58 22.86
CA ILE B 292 26.22 3.57 21.44
C ILE B 292 27.53 3.33 20.67
N GLY B 293 27.45 2.65 19.54
CA GLY B 293 28.59 2.42 18.68
C GLY B 293 28.74 3.60 17.75
N LEU B 294 29.94 4.16 17.69
CA LEU B 294 30.18 5.34 16.87
C LEU B 294 31.65 5.40 16.49
N ASP B 295 31.90 5.46 15.18
CA ASP B 295 33.22 5.33 14.65
C ASP B 295 33.71 6.66 14.10
N PHE B 296 34.79 7.17 14.66
CA PHE B 296 35.53 8.30 14.08
C PHE B 296 36.82 7.83 13.36
N PRO B 297 37.45 8.69 12.54
CA PRO B 297 38.75 8.41 11.90
C PRO B 297 39.78 7.75 12.78
N VAL B 298 39.97 8.27 13.99
CA VAL B 298 40.75 7.58 15.03
C VAL B 298 39.81 7.05 16.11
N PRO B 299 39.96 5.80 16.51
CA PRO B 299 39.10 5.22 17.55
C PRO B 299 38.90 6.13 18.78
N THR B 300 37.63 6.53 19.00
CA THR B 300 37.24 7.48 20.05
C THR B 300 36.16 6.93 20.98
N PHE B 301 36.37 7.18 22.27
CA PHE B 301 35.32 7.07 23.30
C PHE B 301 34.68 8.43 23.63
N ILE B 302 33.35 8.54 23.61
CA ILE B 302 32.74 9.75 24.16
C ILE B 302 32.26 9.41 25.57
N LEU B 303 32.92 9.97 26.56
CA LEU B 303 32.46 9.85 27.95
C LEU B 303 31.45 10.95 28.22
N GLY B 304 30.19 10.70 27.92
CA GLY B 304 29.11 11.64 28.18
C GLY B 304 28.57 11.64 29.60
N ASP B 305 27.30 11.97 29.73
CA ASP B 305 26.66 12.23 31.02
C ASP B 305 26.79 11.09 32.02
N PRO B 306 26.76 9.83 31.59
CA PRO B 306 26.90 8.74 32.55
C PRO B 306 28.23 8.78 33.33
N PHE B 307 29.27 9.09 32.61
CA PHE B 307 30.58 9.28 33.21
C PHE B 307 30.66 10.54 34.07
N MET B 308 30.02 11.62 33.61
CA MET B 308 30.15 12.92 34.28
C MET B 308 29.23 13.02 35.50
N ARG B 309 28.24 12.13 35.56
CA ARG B 309 27.28 12.01 36.66
C ARG B 309 27.97 11.38 37.90
N LYS B 310 28.91 10.49 37.60
CA LYS B 310 29.74 9.83 38.59
C LYS B 310 30.95 10.64 38.95
N TYR B 311 31.62 11.21 37.94
CA TYR B 311 32.83 12.01 38.17
C TYR B 311 32.54 13.48 37.99
N PHE B 312 32.92 14.24 39.02
CA PHE B 312 33.08 15.71 38.94
C PHE B 312 34.21 16.04 37.99
N THR B 313 34.06 17.10 37.18
CA THR B 313 35.06 17.44 36.18
C THR B 313 35.36 18.92 36.11
N VAL B 314 36.61 19.22 35.78
CA VAL B 314 37.12 20.59 35.65
C VAL B 314 37.79 20.70 34.28
N PHE B 315 37.45 21.77 33.59
CA PHE B 315 37.92 22.04 32.24
C PHE B 315 38.73 23.33 32.34
N ASP B 316 40.05 23.19 32.23
CA ASP B 316 40.98 24.28 32.48
C ASP B 316 41.64 24.72 31.15
N TYR B 317 41.23 25.85 30.62
CA TYR B 317 41.80 26.36 29.38
C TYR B 317 43.25 26.82 29.61
N ASP B 318 43.54 27.41 30.77
CA ASP B 318 44.90 27.91 31.05
C ASP B 318 45.95 26.79 31.10
N ASN B 319 45.55 25.65 31.65
CA ASN B 319 46.47 24.52 31.86
C ASN B 319 46.22 23.37 30.86
N HIS B 320 45.32 23.63 29.92
CA HIS B 320 45.04 22.72 28.82
C HIS B 320 44.78 21.30 29.31
N SER B 321 43.86 21.15 30.25
CA SER B 321 43.68 19.86 30.89
C SER B 321 42.29 19.66 31.43
N VAL B 322 41.99 18.39 31.74
CA VAL B 322 40.71 18.03 32.39
C VAL B 322 40.99 17.40 33.76
N GLY B 323 40.34 17.92 34.81
CA GLY B 323 40.46 17.35 36.15
C GLY B 323 39.29 16.43 36.36
N ILE B 324 39.53 15.38 37.12
CA ILE B 324 38.54 14.36 37.36
C ILE B 324 38.60 13.89 38.81
N ALA B 325 37.44 13.84 39.47
CA ALA B 325 37.32 13.33 40.82
C ALA B 325 35.93 12.76 41.00
N LEU B 326 35.78 11.90 42.00
CA LEU B 326 34.47 11.38 42.39
C LEU B 326 33.56 12.55 42.82
N ALA B 327 32.38 12.60 42.25
CA ALA B 327 31.40 13.58 42.64
C ALA B 327 30.77 13.17 43.99
N LYS B 328 30.56 14.13 44.89
CA LYS B 328 29.85 13.84 46.15
C LYS B 328 28.44 13.37 45.82
N LYS B 329 28.00 12.29 46.46
CA LYS B 329 26.72 11.68 46.13
C LYS B 329 25.53 12.57 46.52
N ASN B 330 25.79 13.58 47.35
CA ASN B 330 24.74 14.49 47.79
C ASN B 330 25.31 15.66 48.59
N LEU B 331 25.47 16.80 47.93
CA LEU B 331 25.93 18.05 48.55
C LEU B 331 27.33 17.88 49.16
C22 TIT C . -32.09 -11.69 -22.80
C23 TIT C . -32.04 -11.15 -21.47
C24 TIT C . -32.74 -9.93 -21.16
C25 TIT C . -33.49 -9.26 -22.17
C26 TIT C . -33.54 -9.79 -23.50
C27 TIT C . -32.85 -11.00 -23.80
C21 TIT C . -31.36 -12.85 -23.15
C20 TIT C . -30.59 -14.98 -22.27
O07 TIT C . -31.34 -13.82 -22.15
BR TIT C . -34.21 -7.96 -21.83
C08 TIT C . -29.64 -15.11 -21.20
C07 TIT C . -29.25 -16.49 -20.99
C06 TIT C . -28.50 -16.68 -19.78
C05 TIT C . -29.32 -16.85 -18.65
O03 TIT C . -29.60 -15.78 -17.86
O04 TIT C . -28.47 -16.89 -22.04
N01 TIT C . -29.26 -19.97 -12.25
N04 TIT C . -28.57 -14.30 -21.43
N02 TIT C . -30.46 -18.07 -14.88
C02 TIT C . -29.83 -18.16 -13.68
C29 TIT C . -30.23 -17.10 -12.87
C30 TIT C . -29.15 -16.22 -12.68
C31 TIT C . -29.55 -14.92 -13.03
C32 TIT C . -28.73 -16.23 -11.34
C01 TIT C . -30.14 -19.38 -13.07
O01 TIT C . -31.35 -19.99 -13.31
N03 TIT C . -29.81 -18.09 -18.33
C04 TIT C . -30.58 -18.32 -17.23
C28 TIT C . -31.30 -19.53 -17.38
C03 TIT C . -29.84 -18.36 -16.04
O02 TIT C . -28.53 -18.75 -16.04
N05 TIT C . -27.71 -11.11 -21.30
C10 TIT C . -27.23 -12.35 -21.03
C17 TIT C . -26.29 -12.32 -19.90
C18 TIT C . -25.69 -13.56 -19.70
C19 TIT C . -25.27 -11.39 -20.10
C09 TIT C . -28.35 -13.16 -20.74
O05 TIT C . -29.22 -12.78 -19.76
C12 TIT C . -28.42 -9.44 -22.96
C16 TIT C . -29.90 -7.66 -22.38
C15 TIT C . -30.06 -7.32 -23.74
C13 TIT C . -28.58 -9.11 -24.33
C14 TIT C . -29.42 -8.04 -24.69
C11 TIT C . -27.63 -10.51 -22.52
O06 TIT C . -27.03 -11.14 -23.57
N06 TIT C . -29.09 -8.70 -22.02
C22 TIT D . 21.91 16.92 20.57
C23 TIT D . 21.96 16.54 19.19
C24 TIT D . 20.74 16.36 18.45
C25 TIT D . 19.49 16.57 19.09
C26 TIT D . 19.43 16.97 20.46
C27 TIT D . 20.65 17.14 21.20
C21 TIT D . 23.09 17.04 21.35
C20 TIT D . 25.42 17.56 21.17
O07 TIT D . 24.18 17.49 20.61
BR TIT D . 18.20 16.39 18.31
C08 TIT D . 26.35 16.74 20.46
C07 TIT D . 27.69 17.26 20.64
C06 TIT D . 28.68 16.54 19.89
C05 TIT D . 28.82 17.08 18.59
O03 TIT D . 28.10 16.53 17.58
O04 TIT D . 28.06 17.24 21.96
N01 TIT D . 31.56 19.95 13.37
N04 TIT D . 26.20 15.45 20.88
N02 TIT D . 30.30 18.25 14.98
C02 TIT D . 31.11 17.71 14.05
C29 TIT D . 30.35 17.25 12.99
C30 TIT D . 30.36 15.85 12.99
C31 TIT D . 31.03 15.37 11.88
C32 TIT D . 29.04 15.40 12.98
C01 TIT D . 32.00 18.71 13.61
O01 TIT D . 33.32 18.41 13.42
N03 TIT D . 29.59 18.18 18.38
C04 TIT D . 29.69 18.79 17.18
C28 TIT D . 30.21 20.10 17.35
C03 TIT D . 30.52 18.10 16.29
O02 TIT D . 31.58 17.36 16.74
N05 TIT D . 24.07 12.98 20.63
C10 TIT D . 25.43 13.16 20.62
C17 TIT D . 26.10 12.12 19.86
C18 TIT D . 25.73 10.84 20.31
C19 TIT D . 27.50 12.20 19.97
C09 TIT D . 25.67 14.47 20.08
O05 TIT D . 25.28 14.74 18.80
C12 TIT D . 21.88 13.02 21.64
C16 TIT D . 19.95 12.94 20.26
C15 TIT D . 19.09 13.09 21.40
C13 TIT D . 21.06 13.17 22.79
C14 TIT D . 19.65 13.20 22.63
C11 TIT D . 23.30 12.98 21.76
O06 TIT D . 23.88 13.17 22.99
N06 TIT D . 21.30 12.92 20.41
#